data_4OHU
#
_entry.id   4OHU
#
_cell.length_a   72.845
_cell.length_b   90.486
_cell.length_c   161.825
_cell.angle_alpha   90.000
_cell.angle_beta   90.000
_cell.angle_gamma   90.000
#
_symmetry.space_group_name_H-M   'P 21 21 21'
#
loop_
_entity.id
_entity.type
_entity.pdbx_description
1 polymer 'Enoyl-[acyl-carrier-protein] reductase [NADH]'
2 non-polymer NICOTINAMIDE-ADENINE-DINUCLEOTIDE
3 non-polymer 2-(2-bromophenoxy)-5-hexylphenol
4 water water
#
_entity_poly.entity_id   1
_entity_poly.type   'polypeptide(L)'
_entity_poly.pdbx_seq_one_letter_code
;MGSSHHHHHHSSGLVPRGSHMTGLLDGKRILVSGIITDSSIAFHIARVAQEQGAQLVLTGFDRLRLIQRITDRLPAKAPL
LELDVQNEEHLASLAGRVTEAIGAGNKLDGVVHSIGFMPQTGMGINPFFDAPYADVSKGIHISAYSYASMAKALLPIMNP
GGSIVGMDFDPSRAMPAYNWMTVAKSALESVNRFVAREAGKYGVRSNLVAAGPIRTLAMSAIVGGALGEEAGAQIQLLEE
GWDQRAPIGWNMKDATPVAKTVCALLSDWLPATTGDIIYADGGAHTQLL
;
_entity_poly.pdbx_strand_id   A,B,C,D
#
loop_
_chem_comp.id
_chem_comp.type
_chem_comp.name
_chem_comp.formula
2TK non-polymer 2-(2-bromophenoxy)-5-hexylphenol 'C18 H21 Br O2'
NAD non-polymer NICOTINAMIDE-ADENINE-DINUCLEOTIDE 'C21 H27 N7 O14 P2'
#
# COMPACT_ATOMS: atom_id res chain seq x y z
N GLY A 23 33.09 -6.49 -11.35
CA GLY A 23 32.24 -7.24 -12.26
C GLY A 23 31.01 -7.81 -11.58
N LEU A 24 30.00 -6.98 -11.37
CA LEU A 24 28.79 -7.38 -10.67
C LEU A 24 28.07 -8.55 -11.36
N LEU A 25 28.19 -8.62 -12.68
CA LEU A 25 27.46 -9.63 -13.45
C LEU A 25 28.39 -10.51 -14.25
N ASP A 26 29.62 -10.68 -13.73
CA ASP A 26 30.65 -11.44 -14.44
C ASP A 26 30.18 -12.85 -14.78
N GLY A 27 30.27 -13.20 -16.06
CA GLY A 27 29.92 -14.53 -16.50
C GLY A 27 28.45 -14.78 -16.71
N LYS A 28 27.61 -13.82 -16.33
CA LYS A 28 26.17 -14.01 -16.52
C LYS A 28 25.73 -13.78 -17.96
N ARG A 29 24.82 -14.63 -18.44
CA ARG A 29 24.23 -14.48 -19.75
C ARG A 29 22.84 -13.88 -19.61
N ILE A 30 22.64 -12.71 -20.21
CA ILE A 30 21.42 -11.95 -19.95
C ILE A 30 20.78 -11.49 -21.24
N LEU A 31 19.47 -11.73 -21.38
CA LEU A 31 18.72 -11.23 -22.53
C LEU A 31 18.14 -9.86 -22.18
N VAL A 32 18.33 -8.89 -23.08
CA VAL A 32 17.77 -7.56 -22.85
C VAL A 32 16.91 -7.15 -24.03
N SER A 33 15.61 -6.95 -23.77
CA SER A 33 14.68 -6.48 -24.78
C SER A 33 14.49 -4.98 -24.62
N GLY A 34 13.96 -4.34 -25.66
CA GLY A 34 13.48 -2.98 -25.49
C GLY A 34 14.38 -1.85 -25.97
N ILE A 35 15.52 -2.16 -26.58
CA ILE A 35 16.34 -1.08 -27.14
C ILE A 35 15.73 -0.60 -28.45
N ILE A 36 15.46 0.69 -28.55
CA ILE A 36 15.08 1.29 -29.82
C ILE A 36 15.99 2.47 -30.16
N THR A 37 16.35 3.28 -29.16
CA THR A 37 17.36 4.32 -29.36
C THR A 37 18.40 4.27 -28.24
N ASP A 38 19.45 5.08 -28.33
CA ASP A 38 20.45 5.09 -27.27
C ASP A 38 20.00 5.86 -26.02
N SER A 39 18.75 6.33 -26.05
CA SER A 39 18.12 6.87 -24.84
C SER A 39 17.26 5.82 -24.14
N SER A 40 16.99 4.71 -24.80
CA SER A 40 16.12 3.67 -24.20
C SER A 40 16.63 3.25 -22.84
N ILE A 41 15.73 3.05 -21.87
CA ILE A 41 16.16 2.53 -20.59
C ILE A 41 16.93 1.22 -20.81
N ALA A 42 16.46 0.41 -21.75
CA ALA A 42 17.12 -0.86 -22.08
C ALA A 42 18.54 -0.68 -22.59
N PHE A 43 18.80 0.43 -23.28
CA PHE A 43 20.14 0.67 -23.79
C PHE A 43 21.10 0.84 -22.63
N HIS A 44 20.67 1.63 -21.65
CA HIS A 44 21.51 1.85 -20.48
C HIS A 44 21.63 0.62 -19.59
N ILE A 45 20.56 -0.16 -19.49
CA ILE A 45 20.66 -1.43 -18.80
C ILE A 45 21.74 -2.30 -19.46
N ALA A 46 21.70 -2.40 -20.79
CA ALA A 46 22.66 -3.20 -21.53
C ALA A 46 24.08 -2.67 -21.33
N ARG A 47 24.23 -1.35 -21.42
CA ARG A 47 25.54 -0.73 -21.27
C ARG A 47 26.14 -1.04 -19.90
N VAL A 48 25.38 -0.78 -18.84
CA VAL A 48 25.86 -1.04 -17.49
C VAL A 48 26.11 -2.54 -17.27
N ALA A 49 25.24 -3.40 -17.77
CA ALA A 49 25.43 -4.83 -17.62
C ALA A 49 26.72 -5.31 -18.29
N GLN A 50 27.01 -4.79 -19.48
CA GLN A 50 28.27 -5.12 -20.14
C GLN A 50 29.48 -4.57 -19.38
N GLU A 51 29.35 -3.36 -18.83
CA GLU A 51 30.42 -2.77 -18.02
C GLU A 51 30.72 -3.68 -16.83
N GLN A 52 29.68 -4.38 -16.39
CA GLN A 52 29.79 -5.27 -15.23
C GLN A 52 30.00 -6.74 -15.61
N GLY A 53 30.38 -6.99 -16.86
CA GLY A 53 30.84 -8.30 -17.24
C GLY A 53 29.83 -9.27 -17.81
N ALA A 54 28.59 -8.82 -17.99
CA ALA A 54 27.56 -9.69 -18.56
C ALA A 54 27.77 -9.93 -20.05
N GLN A 55 27.38 -11.13 -20.49
CA GLN A 55 27.33 -11.48 -21.90
C GLN A 55 25.88 -11.35 -22.35
N LEU A 56 25.59 -10.43 -23.28
CA LEU A 56 24.21 -10.15 -23.61
C LEU A 56 23.72 -10.79 -24.89
N VAL A 57 22.41 -11.04 -24.93
CA VAL A 57 21.70 -11.23 -26.18
C VAL A 57 20.61 -10.17 -26.18
N LEU A 58 20.48 -9.45 -27.29
CA LEU A 58 19.52 -8.36 -27.35
C LEU A 58 18.34 -8.74 -28.22
N THR A 59 17.15 -8.22 -27.92
CA THR A 59 16.02 -8.37 -28.82
C THR A 59 15.47 -7.02 -29.18
N GLY A 60 15.08 -6.90 -30.44
CA GLY A 60 14.55 -5.65 -30.95
C GLY A 60 13.28 -5.87 -31.76
N PHE A 61 12.49 -4.80 -31.87
CA PHE A 61 11.20 -4.85 -32.52
C PHE A 61 11.15 -3.91 -33.71
N ASP A 62 10.74 -4.46 -34.85
CA ASP A 62 10.37 -3.69 -36.06
C ASP A 62 11.57 -3.11 -36.80
N ARG A 63 12.30 -2.20 -36.16
CA ARG A 63 13.38 -1.47 -36.84
C ARG A 63 14.74 -2.13 -36.66
N LEU A 64 14.88 -3.36 -37.15
CA LEU A 64 16.06 -4.15 -36.78
C LEU A 64 17.38 -3.61 -37.33
N ARG A 65 17.34 -3.04 -38.53
CA ARG A 65 18.53 -2.43 -39.10
C ARG A 65 18.99 -1.23 -38.27
N LEU A 66 18.05 -0.37 -37.91
CA LEU A 66 18.37 0.79 -37.07
C LEU A 66 18.87 0.36 -35.69
N ILE A 67 18.22 -0.63 -35.10
CA ILE A 67 18.57 -1.06 -33.77
C ILE A 67 20.00 -1.63 -33.75
N GLN A 68 20.37 -2.34 -34.81
CA GLN A 68 21.72 -2.87 -34.93
C GLN A 68 22.75 -1.74 -34.90
N ARG A 69 22.46 -0.62 -35.56
CA ARG A 69 23.37 0.52 -35.52
C ARG A 69 23.47 1.09 -34.10
N ILE A 70 22.33 1.15 -33.40
CA ILE A 70 22.28 1.64 -32.02
C ILE A 70 23.15 0.76 -31.14
N THR A 71 22.97 -0.56 -31.27
CA THR A 71 23.63 -1.49 -30.36
C THR A 71 25.13 -1.58 -30.66
N ASP A 72 25.54 -1.14 -31.84
CA ASP A 72 26.96 -0.96 -32.15
C ASP A 72 27.64 0.07 -31.23
N ARG A 73 26.83 0.88 -30.54
CA ARG A 73 27.34 1.94 -29.67
C ARG A 73 27.49 1.44 -28.24
N LEU A 74 27.08 0.19 -28.00
CA LEU A 74 27.30 -0.44 -26.70
C LEU A 74 28.79 -0.78 -26.56
N PRO A 75 29.26 -0.95 -25.31
CA PRO A 75 30.66 -1.27 -25.03
C PRO A 75 31.15 -2.54 -25.72
N ALA A 76 30.28 -3.53 -25.90
CA ALA A 76 30.68 -4.79 -26.50
C ALA A 76 29.67 -5.29 -27.53
N LYS A 77 30.14 -6.12 -28.45
CA LYS A 77 29.29 -6.72 -29.45
C LYS A 77 28.33 -7.71 -28.79
N ALA A 78 27.08 -7.73 -29.25
CA ALA A 78 26.09 -8.67 -28.75
C ALA A 78 25.17 -9.05 -29.90
N PRO A 79 24.76 -10.34 -29.94
CA PRO A 79 23.82 -10.77 -30.97
C PRO A 79 22.46 -10.11 -30.82
N LEU A 80 21.86 -9.71 -31.93
CA LEU A 80 20.54 -9.08 -31.91
C LEU A 80 19.51 -9.99 -32.58
N LEU A 81 18.44 -10.28 -31.86
CA LEU A 81 17.36 -11.12 -32.36
C LEU A 81 16.08 -10.31 -32.48
N GLU A 82 15.26 -10.64 -33.47
CA GLU A 82 13.96 -9.98 -33.63
C GLU A 82 12.93 -10.56 -32.68
N LEU A 83 12.19 -9.69 -31.99
CA LEU A 83 11.07 -10.13 -31.17
C LEU A 83 9.96 -9.08 -31.13
N ASP A 84 8.86 -9.40 -31.80
CA ASP A 84 7.58 -8.67 -31.65
C ASP A 84 6.76 -9.50 -30.68
N VAL A 85 6.48 -8.97 -29.49
CA VAL A 85 5.79 -9.78 -28.49
C VAL A 85 4.34 -10.13 -28.83
N GLN A 86 3.78 -9.50 -29.85
CA GLN A 86 2.45 -9.86 -30.33
C GLN A 86 2.49 -10.97 -31.37
N ASN A 87 3.70 -11.37 -31.77
CA ASN A 87 3.87 -12.39 -32.80
C ASN A 87 4.12 -13.76 -32.16
N GLU A 88 3.14 -14.65 -32.30
CA GLU A 88 3.19 -15.96 -31.66
C GLU A 88 4.38 -16.78 -32.16
N GLU A 89 4.69 -16.65 -33.44
CA GLU A 89 5.82 -17.37 -34.04
C GLU A 89 7.16 -16.90 -33.46
N HIS A 90 7.32 -15.58 -33.28
CA HIS A 90 8.54 -15.06 -32.66
C HIS A 90 8.74 -15.63 -31.27
N LEU A 91 7.65 -15.70 -30.51
CA LEU A 91 7.71 -16.21 -29.15
C LEU A 91 8.00 -17.71 -29.13
N ALA A 92 7.38 -18.44 -30.06
CA ALA A 92 7.55 -19.89 -30.13
C ALA A 92 8.99 -20.26 -30.48
N SER A 93 9.65 -19.43 -31.29
CA SER A 93 11.01 -19.71 -31.75
C SER A 93 12.09 -19.06 -30.89
N LEU A 94 11.69 -18.22 -29.94
CA LEU A 94 12.64 -17.38 -29.22
C LEU A 94 13.73 -18.17 -28.50
N ALA A 95 13.35 -19.18 -27.72
CA ALA A 95 14.33 -19.89 -26.91
C ALA A 95 15.37 -20.56 -27.80
N GLY A 96 14.92 -21.13 -28.91
CA GLY A 96 15.82 -21.79 -29.84
C GLY A 96 16.79 -20.81 -30.46
N ARG A 97 16.29 -19.62 -30.80
CA ARG A 97 17.13 -18.60 -31.39
C ARG A 97 18.14 -18.06 -30.38
N VAL A 98 17.73 -17.91 -29.13
CA VAL A 98 18.65 -17.48 -28.10
C VAL A 98 19.74 -18.54 -27.89
N THR A 99 19.33 -19.81 -27.82
CA THR A 99 20.28 -20.89 -27.60
C THR A 99 21.31 -20.94 -28.72
N GLU A 100 20.88 -20.72 -29.96
CA GLU A 100 21.82 -20.66 -31.07
C GLU A 100 22.82 -19.52 -30.86
N ALA A 101 22.34 -18.41 -30.32
CA ALA A 101 23.19 -17.24 -30.10
C ALA A 101 24.21 -17.41 -28.97
N ILE A 102 23.86 -18.18 -27.94
CA ILE A 102 24.74 -18.33 -26.77
C ILE A 102 25.44 -19.68 -26.70
N GLY A 103 25.10 -20.57 -27.63
CA GLY A 103 25.73 -21.87 -27.71
C GLY A 103 24.92 -22.95 -27.03
N ALA A 104 24.84 -24.12 -27.67
CA ALA A 104 24.11 -25.25 -27.10
C ALA A 104 24.66 -25.61 -25.73
N GLY A 105 23.77 -25.90 -24.80
CA GLY A 105 24.18 -26.28 -23.46
C GLY A 105 24.31 -25.10 -22.52
N ASN A 106 24.32 -23.89 -23.07
CA ASN A 106 24.33 -22.70 -22.24
C ASN A 106 22.92 -22.17 -22.05
N LYS A 107 22.65 -21.67 -20.85
CA LYS A 107 21.35 -21.10 -20.54
C LYS A 107 21.48 -19.64 -20.08
N LEU A 108 20.35 -18.94 -19.99
CA LEU A 108 20.33 -17.57 -19.53
C LEU A 108 20.31 -17.47 -18.00
N ASP A 109 20.98 -16.45 -17.49
CA ASP A 109 20.90 -16.12 -16.07
C ASP A 109 19.98 -14.96 -15.81
N GLY A 110 19.68 -14.18 -16.85
CA GLY A 110 18.86 -13.01 -16.66
C GLY A 110 18.02 -12.69 -17.89
N VAL A 111 16.89 -12.05 -17.66
CA VAL A 111 16.00 -11.60 -18.72
C VAL A 111 15.48 -10.24 -18.32
N VAL A 112 15.59 -9.26 -19.23
CA VAL A 112 15.07 -7.92 -19.00
C VAL A 112 13.95 -7.60 -19.99
N HIS A 113 12.76 -7.35 -19.45
CA HIS A 113 11.60 -6.89 -20.21
C HIS A 113 11.57 -5.38 -20.06
N SER A 114 11.82 -4.65 -21.14
CA SER A 114 11.78 -3.20 -21.11
C SER A 114 10.96 -2.71 -22.31
N ILE A 115 9.68 -3.09 -22.31
CA ILE A 115 8.82 -2.99 -23.47
C ILE A 115 7.48 -2.40 -23.03
N GLY A 116 6.95 -1.51 -23.84
CA GLY A 116 5.61 -1.01 -23.60
C GLY A 116 5.10 -0.32 -24.85
N PHE A 117 3.78 -0.19 -24.90
CA PHE A 117 3.14 0.59 -25.95
C PHE A 117 1.71 0.89 -25.50
N MET A 118 1.20 2.05 -25.89
CA MET A 118 -0.22 2.36 -25.79
C MET A 118 -0.56 3.29 -26.93
N PRO A 119 -1.63 3.00 -27.67
CA PRO A 119 -2.07 3.94 -28.72
C PRO A 119 -2.39 5.30 -28.14
N GLN A 120 -2.29 6.33 -28.99
CA GLN A 120 -2.51 7.71 -28.58
C GLN A 120 -3.85 7.93 -27.89
N THR A 121 -4.89 7.24 -28.35
CA THR A 121 -6.22 7.38 -27.74
C THR A 121 -6.22 7.03 -26.27
N GLY A 122 -5.26 6.21 -25.85
CA GLY A 122 -5.18 5.80 -24.47
C GLY A 122 -4.34 6.70 -23.58
N MET A 123 -3.90 7.85 -24.10
CA MET A 123 -2.90 8.68 -23.42
C MET A 123 -3.22 10.16 -23.41
N GLY A 124 -2.58 10.88 -22.48
CA GLY A 124 -2.53 12.33 -22.57
C GLY A 124 -3.86 13.02 -22.35
N ILE A 125 -4.12 14.03 -23.17
CA ILE A 125 -5.33 14.84 -23.07
C ILE A 125 -6.49 14.23 -23.84
N ASN A 126 -6.26 13.08 -24.47
CA ASN A 126 -7.34 12.37 -25.12
C ASN A 126 -8.24 11.78 -24.03
N PRO A 127 -9.55 12.00 -24.14
CA PRO A 127 -10.46 11.62 -23.04
C PRO A 127 -10.36 10.14 -22.70
N PHE A 128 -10.28 9.85 -21.42
CA PHE A 128 -10.12 8.50 -20.92
C PHE A 128 -11.23 7.58 -21.46
N PHE A 129 -12.47 8.07 -21.46
CA PHE A 129 -13.61 7.27 -21.90
C PHE A 129 -13.63 7.03 -23.40
N ASP A 130 -12.83 7.77 -24.16
CA ASP A 130 -12.91 7.67 -25.62
C ASP A 130 -11.93 6.67 -26.23
N ALA A 131 -11.10 6.04 -25.40
CA ALA A 131 -10.20 5.03 -25.91
C ALA A 131 -10.98 3.76 -26.17
N PRO A 132 -11.00 3.27 -27.43
CA PRO A 132 -11.72 2.05 -27.76
C PRO A 132 -11.03 0.85 -27.15
N TYR A 133 -11.75 -0.22 -26.85
CA TYR A 133 -11.10 -1.34 -26.20
C TYR A 133 -10.01 -1.98 -27.08
N ALA A 134 -10.19 -1.97 -28.39
CA ALA A 134 -9.17 -2.52 -29.26
C ALA A 134 -7.81 -1.86 -29.03
N ASP A 135 -7.81 -0.54 -28.82
CA ASP A 135 -6.58 0.19 -28.51
C ASP A 135 -6.03 -0.17 -27.13
N VAL A 136 -6.91 -0.15 -26.12
CA VAL A 136 -6.51 -0.50 -24.76
C VAL A 136 -5.95 -1.92 -24.73
N SER A 137 -6.62 -2.83 -25.43
CA SER A 137 -6.19 -4.23 -25.45
C SER A 137 -4.81 -4.41 -26.08
N LYS A 138 -4.53 -3.67 -27.17
CA LYS A 138 -3.20 -3.74 -27.77
C LYS A 138 -2.14 -3.30 -26.78
N GLY A 139 -2.43 -2.22 -26.06
CA GLY A 139 -1.50 -1.70 -25.07
C GLY A 139 -1.27 -2.67 -23.93
N ILE A 140 -2.34 -3.31 -23.46
CA ILE A 140 -2.20 -4.27 -22.38
C ILE A 140 -1.45 -5.52 -22.87
N HIS A 141 -1.69 -5.93 -24.11
CA HIS A 141 -0.98 -7.06 -24.68
C HIS A 141 0.53 -6.81 -24.64
N ILE A 142 0.94 -5.69 -25.23
CA ILE A 142 2.35 -5.37 -25.33
C ILE A 142 2.99 -5.03 -23.99
N SER A 143 2.24 -4.36 -23.10
CA SER A 143 2.86 -3.78 -21.92
C SER A 143 2.77 -4.66 -20.69
N ALA A 144 1.81 -5.58 -20.68
CA ALA A 144 1.59 -6.41 -19.49
C ALA A 144 1.60 -7.91 -19.77
N TYR A 145 0.73 -8.37 -20.68
CA TYR A 145 0.66 -9.80 -20.99
C TYR A 145 2.01 -10.31 -21.46
N SER A 146 2.72 -9.49 -22.23
CA SER A 146 4.00 -9.93 -22.79
C SER A 146 5.06 -10.24 -21.74
N TYR A 147 4.89 -9.74 -20.51
CA TYR A 147 5.80 -10.12 -19.44
C TYR A 147 5.65 -11.62 -19.14
N ALA A 148 4.39 -12.07 -19.10
CA ALA A 148 4.11 -13.50 -18.99
C ALA A 148 4.60 -14.27 -20.23
N SER A 149 4.35 -13.74 -21.44
CA SER A 149 4.81 -14.41 -22.67
C SER A 149 6.30 -14.63 -22.69
N MET A 150 7.06 -13.61 -22.32
CA MET A 150 8.52 -13.69 -22.32
C MET A 150 9.01 -14.69 -21.29
N ALA A 151 8.40 -14.66 -20.10
CA ALA A 151 8.74 -15.65 -19.08
C ALA A 151 8.45 -17.08 -19.53
N LYS A 152 7.29 -17.29 -20.14
CA LYS A 152 6.92 -18.59 -20.68
C LYS A 152 7.96 -19.11 -21.67
N ALA A 153 8.39 -18.21 -22.56
CA ALA A 153 9.34 -18.59 -23.60
C ALA A 153 10.72 -18.88 -23.04
N LEU A 154 11.13 -18.12 -22.04
CA LEU A 154 12.54 -18.13 -21.63
C LEU A 154 12.84 -18.93 -20.37
N LEU A 155 11.87 -19.09 -19.47
CA LEU A 155 12.12 -19.94 -18.29
C LEU A 155 12.72 -21.32 -18.64
N PRO A 156 12.24 -22.00 -19.71
CA PRO A 156 12.83 -23.31 -20.03
C PRO A 156 14.33 -23.26 -20.36
N ILE A 157 14.88 -22.08 -20.64
CA ILE A 157 16.31 -21.96 -20.86
C ILE A 157 16.99 -21.06 -19.84
N MET A 158 16.45 -20.99 -18.62
CA MET A 158 17.09 -20.23 -17.56
C MET A 158 17.71 -21.11 -16.48
N ASN A 159 18.82 -20.65 -15.93
CA ASN A 159 19.50 -21.34 -14.85
C ASN A 159 18.88 -21.02 -13.50
N PRO A 160 18.96 -21.97 -12.56
CA PRO A 160 18.60 -21.64 -11.17
C PRO A 160 19.45 -20.46 -10.71
N GLY A 161 18.86 -19.60 -9.89
CA GLY A 161 19.53 -18.41 -9.43
C GLY A 161 19.32 -17.25 -10.38
N GLY A 162 18.60 -17.52 -11.47
CA GLY A 162 18.35 -16.51 -12.48
C GLY A 162 17.35 -15.46 -12.05
N SER A 163 17.20 -14.44 -12.89
CA SER A 163 16.43 -13.25 -12.55
C SER A 163 15.74 -12.68 -13.78
N ILE A 164 14.42 -12.46 -13.66
CA ILE A 164 13.65 -11.80 -14.70
C ILE A 164 13.25 -10.45 -14.14
N VAL A 165 13.49 -9.39 -14.89
CA VAL A 165 13.20 -8.03 -14.41
C VAL A 165 12.38 -7.29 -15.48
N GLY A 166 11.32 -6.62 -15.05
CA GLY A 166 10.54 -5.80 -15.97
C GLY A 166 10.47 -4.36 -15.49
N MET A 167 10.13 -3.44 -16.39
CA MET A 167 10.04 -2.03 -16.04
C MET A 167 8.62 -1.57 -15.76
N ASP A 168 8.46 -0.82 -14.67
CA ASP A 168 7.18 -0.38 -14.17
C ASP A 168 7.18 1.15 -14.00
N PHE A 169 6.00 1.73 -13.91
CA PHE A 169 5.86 3.12 -13.48
C PHE A 169 4.71 3.04 -12.50
N ASP A 170 4.98 3.44 -11.25
CA ASP A 170 4.05 3.22 -10.14
C ASP A 170 2.63 3.65 -10.46
N PRO A 171 1.69 2.68 -10.56
CA PRO A 171 0.31 2.97 -10.95
C PRO A 171 -0.67 2.89 -9.78
N SER A 172 -0.16 2.97 -8.56
CA SER A 172 -0.97 2.81 -7.35
CA SER A 172 -1.01 2.77 -7.39
C SER A 172 -2.01 3.91 -7.21
N ARG A 173 -1.73 5.05 -7.83
CA ARG A 173 -2.65 6.20 -7.83
C ARG A 173 -2.83 6.65 -9.27
N ALA A 174 -4.00 7.21 -9.57
CA ALA A 174 -4.24 7.77 -10.91
C ALA A 174 -3.54 9.12 -11.05
N MET A 175 -3.41 9.58 -12.29
CA MET A 175 -2.68 10.82 -12.53
C MET A 175 -3.04 11.35 -13.90
N PRO A 176 -2.74 12.62 -14.16
CA PRO A 176 -2.98 13.12 -15.51
C PRO A 176 -2.12 12.38 -16.53
N ALA A 177 -2.68 12.26 -17.73
CA ALA A 177 -1.95 11.85 -18.93
C ALA A 177 -1.56 10.38 -19.05
N TYR A 178 -1.20 9.72 -17.96
CA TYR A 178 -0.73 8.35 -18.10
C TYR A 178 -1.89 7.43 -18.42
N ASN A 179 -3.08 7.84 -18.00
CA ASN A 179 -4.34 7.24 -18.48
C ASN A 179 -4.34 5.72 -18.54
N TRP A 180 -4.56 5.16 -19.72
CA TRP A 180 -4.67 3.70 -19.81
C TRP A 180 -3.36 2.95 -19.63
N MET A 181 -2.24 3.62 -19.83
CA MET A 181 -0.96 2.98 -19.49
C MET A 181 -0.91 2.70 -17.99
N THR A 182 -1.55 3.54 -17.19
CA THR A 182 -1.61 3.28 -15.75
C THR A 182 -2.29 1.93 -15.50
N VAL A 183 -3.36 1.68 -16.23
CA VAL A 183 -4.10 0.44 -16.11
C VAL A 183 -3.24 -0.74 -16.55
N ALA A 184 -2.52 -0.56 -17.66
CA ALA A 184 -1.59 -1.58 -18.11
C ALA A 184 -0.50 -1.90 -17.08
N LYS A 185 0.05 -0.87 -16.43
CA LYS A 185 1.06 -1.11 -15.40
C LYS A 185 0.46 -1.79 -14.16
N SER A 186 -0.78 -1.44 -13.81
CA SER A 186 -1.44 -2.15 -12.71
C SER A 186 -1.58 -3.62 -13.04
N ALA A 187 -1.94 -3.92 -14.29
CA ALA A 187 -2.03 -5.32 -14.71
C ALA A 187 -0.65 -5.97 -14.68
N LEU A 188 0.37 -5.25 -15.14
CA LEU A 188 1.75 -5.77 -15.16
C LEU A 188 2.23 -6.17 -13.77
N GLU A 189 1.92 -5.33 -12.78
CA GLU A 189 2.29 -5.66 -11.41
C GLU A 189 1.66 -6.95 -10.93
N SER A 190 0.40 -7.15 -11.27
CA SER A 190 -0.28 -8.38 -10.95
C SER A 190 0.34 -9.57 -11.69
N VAL A 191 0.59 -9.38 -12.99
CA VAL A 191 1.24 -10.43 -13.79
C VAL A 191 2.57 -10.84 -13.17
N ASN A 192 3.35 -9.86 -12.72
CA ASN A 192 4.66 -10.13 -12.12
C ASN A 192 4.54 -11.06 -10.90
N ARG A 193 3.50 -10.87 -10.09
CA ARG A 193 3.34 -11.71 -8.92
C ARG A 193 3.05 -13.15 -9.29
N PHE A 194 2.33 -13.36 -10.39
CA PHE A 194 2.08 -14.72 -10.85
C PHE A 194 3.27 -15.31 -11.60
N VAL A 195 4.00 -14.48 -12.33
CA VAL A 195 5.23 -14.97 -12.96
C VAL A 195 6.20 -15.45 -11.88
N ALA A 196 6.24 -14.75 -10.75
CA ALA A 196 7.10 -15.18 -9.66
C ALA A 196 6.76 -16.59 -9.18
N ARG A 197 5.48 -16.92 -9.16
CA ARG A 197 5.06 -18.26 -8.76
C ARG A 197 5.61 -19.32 -9.73
N GLU A 198 5.48 -19.03 -11.03
CA GLU A 198 5.98 -19.95 -12.04
C GLU A 198 7.51 -20.02 -12.03
N ALA A 199 8.15 -18.86 -11.91
CA ALA A 199 9.60 -18.81 -12.00
C ALA A 199 10.26 -19.50 -10.82
N GLY A 200 9.58 -19.48 -9.68
CA GLY A 200 10.13 -20.11 -8.49
C GLY A 200 10.42 -21.58 -8.69
N LYS A 201 9.65 -22.23 -9.56
CA LYS A 201 9.82 -23.65 -9.85
C LYS A 201 11.18 -23.91 -10.49
N TYR A 202 11.72 -22.87 -11.12
CA TYR A 202 13.01 -22.94 -11.81
C TYR A 202 14.13 -22.33 -10.96
N GLY A 203 13.81 -21.90 -9.74
CA GLY A 203 14.77 -21.22 -8.90
C GLY A 203 15.09 -19.82 -9.40
N VAL A 204 14.12 -19.23 -10.09
CA VAL A 204 14.31 -17.92 -10.72
C VAL A 204 13.42 -16.87 -10.06
N ARG A 205 13.96 -15.66 -9.91
CA ARG A 205 13.22 -14.53 -9.31
C ARG A 205 12.56 -13.72 -10.42
N SER A 206 11.46 -13.06 -10.10
CA SER A 206 10.79 -12.14 -11.03
C SER A 206 10.46 -10.88 -10.26
N ASN A 207 10.94 -9.74 -10.76
CA ASN A 207 10.66 -8.45 -10.10
C ASN A 207 10.49 -7.34 -11.11
N LEU A 208 9.87 -6.25 -10.66
CA LEU A 208 9.80 -5.05 -11.46
C LEU A 208 10.62 -3.94 -10.83
N VAL A 209 11.15 -3.07 -11.68
CA VAL A 209 11.72 -1.81 -11.23
C VAL A 209 10.79 -0.69 -11.66
N ALA A 210 10.24 0.02 -10.67
CA ALA A 210 9.41 1.17 -10.94
C ALA A 210 10.30 2.39 -11.00
N ALA A 211 10.48 2.93 -12.20
CA ALA A 211 11.40 4.03 -12.41
C ALA A 211 10.67 5.36 -12.40
N GLY A 212 11.38 6.41 -12.01
CA GLY A 212 10.89 7.76 -12.23
C GLY A 212 10.97 8.11 -13.70
N PRO A 213 10.54 9.30 -14.06
CA PRO A 213 10.47 9.71 -15.48
C PRO A 213 11.85 9.90 -16.10
N ILE A 214 12.03 9.36 -17.30
CA ILE A 214 13.29 9.41 -18.02
C ILE A 214 13.00 9.82 -19.46
N ARG A 215 13.82 10.72 -20.01
CA ARG A 215 13.65 11.15 -21.39
C ARG A 215 14.03 10.05 -22.40
N THR A 216 13.02 9.38 -22.94
CA THR A 216 13.21 8.30 -23.91
C THR A 216 12.29 8.53 -25.10
N LEU A 217 12.40 7.69 -26.15
CA LEU A 217 11.52 7.83 -27.31
C LEU A 217 10.05 7.71 -26.90
N ALA A 218 9.74 6.76 -26.02
CA ALA A 218 8.37 6.62 -25.54
C ALA A 218 7.89 7.90 -24.86
N MET A 219 8.74 8.50 -24.02
CA MET A 219 8.39 9.76 -23.36
CA MET A 219 8.35 9.75 -23.36
C MET A 219 8.03 10.83 -24.38
N SER A 220 8.83 10.93 -25.44
CA SER A 220 8.65 11.97 -26.44
C SER A 220 7.50 11.67 -27.40
N ALA A 221 7.47 10.45 -27.92
CA ALA A 221 6.54 10.11 -29.01
C ALA A 221 5.17 9.65 -28.51
N ILE A 222 5.14 8.92 -27.40
CA ILE A 222 3.88 8.45 -26.86
C ILE A 222 3.28 9.43 -25.85
N VAL A 223 3.99 9.66 -24.75
CA VAL A 223 3.50 10.59 -23.74
C VAL A 223 3.45 12.02 -24.29
N GLY A 224 4.58 12.51 -24.78
CA GLY A 224 4.65 13.88 -25.29
C GLY A 224 3.69 14.12 -26.43
N GLY A 225 3.54 13.13 -27.30
CA GLY A 225 2.67 13.26 -28.45
C GLY A 225 1.21 13.47 -28.07
N ALA A 226 0.84 12.99 -26.89
CA ALA A 226 -0.56 13.03 -26.48
C ALA A 226 -0.89 14.20 -25.54
N LEU A 227 0.11 15.04 -25.23
CA LEU A 227 -0.11 16.14 -24.29
C LEU A 227 -0.58 17.44 -24.93
N GLY A 228 -0.65 17.47 -26.26
CA GLY A 228 -1.05 18.68 -26.95
C GLY A 228 0.12 19.65 -27.04
N GLU A 229 -0.18 20.92 -27.24
CA GLU A 229 0.87 21.92 -27.38
C GLU A 229 1.62 22.12 -26.06
N GLU A 230 2.86 22.59 -26.17
CA GLU A 230 3.68 22.81 -24.98
C GLU A 230 3.87 21.54 -24.17
N ALA A 231 4.03 20.42 -24.87
CA ALA A 231 4.31 19.16 -24.18
C ALA A 231 5.63 19.29 -23.44
N GLY A 232 6.54 20.06 -24.04
CA GLY A 232 7.87 20.27 -23.48
C GLY A 232 7.81 20.87 -22.09
N ALA A 233 7.06 21.96 -21.96
CA ALA A 233 6.89 22.60 -20.66
C ALA A 233 6.24 21.66 -19.64
N GLN A 234 5.27 20.87 -20.08
CA GLN A 234 4.59 19.96 -19.17
C GLN A 234 5.50 18.84 -18.66
N ILE A 235 6.35 18.32 -19.54
CA ILE A 235 7.33 17.31 -19.15
C ILE A 235 8.38 17.92 -18.21
N GLN A 236 8.74 19.18 -18.46
CA GLN A 236 9.68 19.88 -17.60
C GLN A 236 9.07 20.03 -16.21
N LEU A 237 7.79 20.38 -16.15
CA LEU A 237 7.08 20.50 -14.87
C LEU A 237 6.97 19.16 -14.13
N LEU A 238 6.78 18.09 -14.87
CA LEU A 238 6.71 16.76 -14.28
C LEU A 238 8.03 16.45 -13.56
N GLU A 239 9.13 16.73 -14.24
CA GLU A 239 10.47 16.48 -13.72
C GLU A 239 10.72 17.34 -12.48
N GLU A 240 10.31 18.59 -12.57
CA GLU A 240 10.50 19.53 -11.48
C GLU A 240 9.81 19.04 -10.22
N GLY A 241 8.56 18.60 -10.36
CA GLY A 241 7.81 18.07 -9.24
C GLY A 241 8.43 16.79 -8.70
N TRP A 242 8.92 15.95 -9.61
CA TRP A 242 9.47 14.66 -9.18
C TRP A 242 10.75 14.88 -8.36
N ASP A 243 11.60 15.76 -8.86
CA ASP A 243 12.85 16.07 -8.19
C ASP A 243 12.59 16.72 -6.82
N GLN A 244 11.55 17.53 -6.72
CA GLN A 244 11.21 18.16 -5.45
C GLN A 244 10.79 17.11 -4.41
N ARG A 245 9.96 16.17 -4.87
CA ARG A 245 9.41 15.12 -4.01
CA ARG A 245 9.41 15.11 -4.03
C ARG A 245 10.48 14.11 -3.59
N ALA A 246 11.42 13.85 -4.47
CA ALA A 246 12.47 12.85 -4.24
C ALA A 246 13.48 13.36 -3.22
N PRO A 247 13.64 12.67 -2.08
CA PRO A 247 14.59 13.21 -1.11
C PRO A 247 16.02 13.28 -1.62
N ILE A 248 16.39 12.41 -2.55
CA ILE A 248 17.73 12.46 -3.13
C ILE A 248 17.74 13.08 -4.52
N GLY A 249 16.61 13.67 -4.90
CA GLY A 249 16.52 14.35 -6.19
C GLY A 249 16.29 13.37 -7.32
N TRP A 250 16.05 13.93 -8.50
CA TRP A 250 15.76 13.13 -9.68
C TRP A 250 16.19 13.86 -10.94
N ASN A 251 16.90 13.16 -11.82
CA ASN A 251 17.36 13.74 -13.08
C ASN A 251 16.79 12.94 -14.25
N MET A 252 15.84 13.50 -14.99
CA MET A 252 15.19 12.76 -16.06
CA MET A 252 15.18 12.77 -16.07
C MET A 252 16.10 12.50 -17.26
N LYS A 253 17.25 13.16 -17.28
CA LYS A 253 18.20 12.99 -18.38
C LYS A 253 19.17 11.84 -18.13
N ASP A 254 19.08 11.24 -16.95
CA ASP A 254 20.07 10.25 -16.54
C ASP A 254 19.42 8.91 -16.24
N ALA A 255 19.52 7.98 -17.18
CA ALA A 255 18.94 6.65 -16.95
C ALA A 255 19.84 5.73 -16.14
N THR A 256 21.09 6.14 -15.92
CA THR A 256 22.05 5.27 -15.23
C THR A 256 21.58 4.72 -13.86
N PRO A 257 20.97 5.58 -13.00
CA PRO A 257 20.53 5.04 -11.71
C PRO A 257 19.50 3.92 -11.84
N VAL A 258 18.64 4.03 -12.85
CA VAL A 258 17.65 2.99 -13.11
C VAL A 258 18.34 1.73 -13.63
N ALA A 259 19.26 1.91 -14.56
CA ALA A 259 20.03 0.78 -15.10
C ALA A 259 20.79 0.04 -14.00
N LYS A 260 21.41 0.77 -13.08
CA LYS A 260 22.14 0.13 -11.98
C LYS A 260 21.19 -0.70 -11.11
N THR A 261 20.00 -0.19 -10.88
CA THR A 261 19.01 -0.90 -10.07
C THR A 261 18.59 -2.21 -10.71
N VAL A 262 18.35 -2.17 -12.03
CA VAL A 262 18.04 -3.39 -12.75
C VAL A 262 19.19 -4.37 -12.63
N CYS A 263 20.42 -3.88 -12.77
CA CYS A 263 21.58 -4.75 -12.62
C CYS A 263 21.68 -5.34 -11.22
N ALA A 264 21.31 -4.56 -10.19
CA ALA A 264 21.27 -5.10 -8.83
C ALA A 264 20.34 -6.32 -8.75
N LEU A 265 19.16 -6.21 -9.35
CA LEU A 265 18.24 -7.34 -9.37
C LEU A 265 18.71 -8.51 -10.22
N LEU A 266 19.48 -8.25 -11.27
CA LEU A 266 20.02 -9.33 -12.09
C LEU A 266 21.17 -10.04 -11.38
N SER A 267 21.74 -9.37 -10.38
CA SER A 267 22.90 -9.89 -9.67
C SER A 267 22.49 -10.92 -8.62
N ASP A 268 23.48 -11.39 -7.86
CA ASP A 268 23.22 -12.35 -6.80
C ASP A 268 22.96 -11.65 -5.47
N TRP A 269 22.84 -10.32 -5.49
CA TRP A 269 22.79 -9.56 -4.25
C TRP A 269 21.40 -9.27 -3.71
N LEU A 270 20.37 -9.64 -4.47
CA LEU A 270 19.01 -9.57 -3.95
C LEU A 270 18.34 -10.93 -4.07
N PRO A 271 18.92 -11.96 -3.43
CA PRO A 271 18.54 -13.34 -3.67
C PRO A 271 17.22 -13.77 -3.02
N ALA A 272 16.63 -12.92 -2.18
CA ALA A 272 15.43 -13.32 -1.45
C ALA A 272 14.26 -12.43 -1.80
N THR A 273 14.35 -11.75 -2.94
CA THR A 273 13.31 -10.82 -3.36
C THR A 273 12.68 -11.35 -4.63
N THR A 274 11.37 -11.59 -4.60
CA THR A 274 10.67 -12.01 -5.81
C THR A 274 9.20 -11.64 -5.75
N GLY A 275 8.57 -11.51 -6.91
CA GLY A 275 7.19 -11.06 -7.00
C GLY A 275 7.02 -9.61 -6.62
N ASP A 276 8.11 -8.87 -6.63
CA ASP A 276 8.16 -7.59 -5.95
C ASP A 276 8.48 -6.44 -6.88
N ILE A 277 8.46 -5.25 -6.30
CA ILE A 277 8.72 -4.02 -7.02
C ILE A 277 9.77 -3.25 -6.25
N ILE A 278 10.85 -2.89 -6.94
CA ILE A 278 11.90 -2.03 -6.40
CA ILE A 278 11.88 -2.03 -6.38
C ILE A 278 11.74 -0.66 -7.03
N TYR A 279 11.70 0.39 -6.21
CA TYR A 279 11.45 1.73 -6.74
C TYR A 279 12.75 2.48 -6.95
N ALA A 280 13.05 2.76 -8.21
CA ALA A 280 14.21 3.56 -8.59
C ALA A 280 13.69 4.90 -9.08
N ASP A 281 13.23 5.70 -8.11
CA ASP A 281 12.46 6.89 -8.40
C ASP A 281 12.91 8.07 -7.53
N GLY A 282 14.08 7.96 -6.92
CA GLY A 282 14.60 9.01 -6.06
C GLY A 282 13.91 9.06 -4.71
N GLY A 283 13.04 8.07 -4.46
CA GLY A 283 12.24 8.07 -3.26
C GLY A 283 10.95 8.85 -3.35
N ALA A 284 10.63 9.33 -4.54
CA ALA A 284 9.44 10.18 -4.70
C ALA A 284 8.16 9.52 -4.20
N HIS A 285 8.00 8.21 -4.41
CA HIS A 285 6.74 7.58 -4.04
C HIS A 285 6.53 7.50 -2.53
N THR A 286 7.57 7.79 -1.77
CA THR A 286 7.49 7.71 -0.31
C THR A 286 7.13 9.05 0.35
N GLN A 287 6.92 10.09 -0.44
CA GLN A 287 6.77 11.45 0.08
C GLN A 287 5.54 12.06 -0.55
N LEU A 288 4.74 12.79 0.22
CA LEU A 288 3.54 13.39 -0.36
C LEU A 288 3.92 14.73 -0.98
N LEU A 289 4.79 15.46 -0.28
CA LEU A 289 5.33 16.71 -0.78
C LEU A 289 6.75 16.82 -0.25
N THR B 22 -33.13 9.65 8.12
CA THR B 22 -33.14 10.49 9.31
C THR B 22 -32.77 9.72 10.59
N GLY B 23 -32.71 8.38 10.52
CA GLY B 23 -32.42 7.58 11.70
C GLY B 23 -31.32 6.54 11.56
N LEU B 24 -30.19 6.94 10.98
CA LEU B 24 -29.09 6.01 10.74
C LEU B 24 -28.61 5.30 12.01
N LEU B 25 -28.66 6.02 13.13
CA LEU B 25 -28.14 5.50 14.40
C LEU B 25 -29.24 5.45 15.45
N ASP B 26 -30.48 5.27 14.99
CA ASP B 26 -31.61 5.22 15.90
C ASP B 26 -31.42 4.16 16.98
N GLY B 27 -31.52 4.58 18.24
CA GLY B 27 -31.47 3.66 19.35
C GLY B 27 -30.07 3.27 19.76
N LYS B 28 -29.06 3.78 19.04
CA LYS B 28 -27.69 3.43 19.38
C LYS B 28 -27.12 4.32 20.48
N ARG B 29 -26.44 3.70 21.44
CA ARG B 29 -25.75 4.43 22.49
C ARG B 29 -24.27 4.55 22.13
N ILE B 30 -23.79 5.78 21.97
CA ILE B 30 -22.45 6.03 21.45
C ILE B 30 -21.63 6.99 22.31
N LEU B 31 -20.40 6.60 22.64
CA LEU B 31 -19.49 7.47 23.36
C LEU B 31 -18.67 8.26 22.37
N VAL B 32 -18.59 9.57 22.56
CA VAL B 32 -17.77 10.41 21.68
C VAL B 32 -16.76 11.20 22.49
N SER B 33 -15.48 10.92 22.26
CA SER B 33 -14.40 11.65 22.92
C SER B 33 -13.88 12.74 21.99
N GLY B 34 -13.17 13.71 22.55
CA GLY B 34 -12.40 14.61 21.71
C GLY B 34 -12.97 15.98 21.41
N ILE B 35 -14.11 16.33 21.99
CA ILE B 35 -14.60 17.69 21.84
C ILE B 35 -13.79 18.64 22.71
N ILE B 36 -13.22 19.69 22.11
CA ILE B 36 -12.65 20.79 22.90
C ILE B 36 -13.24 22.13 22.43
N THR B 37 -13.48 22.26 21.14
CA THR B 37 -14.15 23.46 20.61
C THR B 37 -15.29 23.06 19.69
N ASP B 38 -16.11 24.01 19.26
CA ASP B 38 -17.17 23.64 18.31
C ASP B 38 -16.62 23.46 16.88
N SER B 39 -15.31 23.60 16.73
CA SER B 39 -14.64 23.30 15.48
CA SER B 39 -14.66 23.30 15.47
C SER B 39 -14.07 21.89 15.48
N SER B 40 -14.05 21.25 16.66
CA SER B 40 -13.51 19.89 16.78
C SER B 40 -14.23 18.93 15.84
N ILE B 41 -13.48 18.05 15.20
CA ILE B 41 -14.09 17.00 14.39
C ILE B 41 -15.12 16.23 15.23
N ALA B 42 -14.77 15.97 16.48
CA ALA B 42 -15.64 15.26 17.41
C ALA B 42 -16.96 15.99 17.65
N PHE B 43 -16.95 17.32 17.59
CA PHE B 43 -18.18 18.08 17.79
C PHE B 43 -19.13 17.79 16.63
N HIS B 44 -18.59 17.79 15.43
CA HIS B 44 -19.39 17.53 14.25
C HIS B 44 -19.85 16.08 14.17
N ILE B 45 -18.99 15.15 14.59
CA ILE B 45 -19.40 13.76 14.74
C ILE B 45 -20.59 13.64 15.69
N ALA B 46 -20.50 14.31 16.84
CA ALA B 46 -21.56 14.26 17.83
C ALA B 46 -22.85 14.87 17.28
N ARG B 47 -22.73 16.01 16.62
CA ARG B 47 -23.87 16.66 16.00
C ARG B 47 -24.57 15.76 14.99
N VAL B 48 -23.81 15.21 14.05
CA VAL B 48 -24.42 14.36 13.03
C VAL B 48 -25.02 13.08 13.63
N ALA B 49 -24.32 12.49 14.59
CA ALA B 49 -24.85 11.28 15.25
C ALA B 49 -26.18 11.53 15.92
N GLN B 50 -26.29 12.67 16.60
CA GLN B 50 -27.55 13.04 17.23
C GLN B 50 -28.66 13.26 16.21
N GLU B 51 -28.33 13.92 15.10
CA GLU B 51 -29.27 14.12 14.01
C GLU B 51 -29.84 12.77 13.54
N GLN B 52 -29.01 11.73 13.63
CA GLN B 52 -29.37 10.40 13.19
C GLN B 52 -29.90 9.47 14.30
N GLY B 53 -30.19 10.06 15.46
CA GLY B 53 -30.90 9.34 16.50
C GLY B 53 -30.08 8.73 17.62
N ALA B 54 -28.76 8.93 17.56
CA ALA B 54 -27.88 8.35 18.57
C ALA B 54 -28.07 9.01 19.93
N GLN B 55 -28.01 8.20 20.98
CA GLN B 55 -27.95 8.71 22.36
C GLN B 55 -26.49 8.76 22.79
N LEU B 56 -25.97 9.95 23.08
CA LEU B 56 -24.53 10.08 23.31
C LEU B 56 -24.13 10.22 24.76
N VAL B 57 -22.91 9.76 25.04
CA VAL B 57 -22.15 10.15 26.21
C VAL B 57 -20.85 10.77 25.70
N LEU B 58 -20.47 11.92 26.24
CA LEU B 58 -19.29 12.63 25.73
C LEU B 58 -18.18 12.56 26.76
N THR B 59 -16.94 12.57 26.29
CA THR B 59 -15.81 12.70 27.19
C THR B 59 -14.91 13.85 26.77
N GLY B 60 -14.37 14.53 27.76
CA GLY B 60 -13.53 15.68 27.53
C GLY B 60 -12.33 15.71 28.45
N PHE B 61 -11.32 16.46 28.03
CA PHE B 61 -10.05 16.52 28.72
C PHE B 61 -9.74 17.94 29.23
N ASP B 62 -9.40 18.01 30.52
CA ASP B 62 -8.77 19.19 31.13
C ASP B 62 -9.72 20.37 31.35
N ARG B 63 -10.22 20.96 30.27
CA ARG B 63 -11.09 22.13 30.38
C ARG B 63 -12.58 21.78 30.39
N LEU B 64 -13.02 21.10 31.44
CA LEU B 64 -14.37 20.54 31.46
C LEU B 64 -15.50 21.58 31.49
N ARG B 65 -15.28 22.73 32.12
CA ARG B 65 -16.30 23.78 32.12
CA ARG B 65 -16.31 23.75 32.11
C ARG B 65 -16.50 24.34 30.71
N LEU B 66 -15.38 24.61 30.03
CA LEU B 66 -15.46 25.09 28.65
C LEU B 66 -16.14 24.05 27.78
N ILE B 67 -15.73 22.80 27.93
CA ILE B 67 -16.30 21.74 27.10
C ILE B 67 -17.81 21.58 27.34
N GLN B 68 -18.24 21.68 28.59
CA GLN B 68 -19.66 21.62 28.90
C GLN B 68 -20.42 22.73 28.17
N ARG B 69 -19.87 23.94 28.18
CA ARG B 69 -20.53 25.04 27.47
C ARG B 69 -20.57 24.79 25.96
N ILE B 70 -19.52 24.19 25.42
CA ILE B 70 -19.49 23.85 24.00
C ILE B 70 -20.53 22.79 23.65
N THR B 71 -20.60 21.74 24.47
CA THR B 71 -21.53 20.64 24.21
C THR B 71 -23.00 21.03 24.38
N ASP B 72 -23.25 22.14 25.07
CA ASP B 72 -24.60 22.70 25.16
C ASP B 72 -25.09 23.17 23.79
N ARG B 73 -24.15 23.32 22.85
CA ARG B 73 -24.47 23.78 21.49
C ARG B 73 -24.88 22.64 20.57
N LEU B 74 -24.83 21.41 21.08
CA LEU B 74 -25.26 20.25 20.32
C LEU B 74 -26.80 20.19 20.24
N PRO B 75 -27.34 19.53 19.21
CA PRO B 75 -28.79 19.44 18.97
C PRO B 75 -29.58 18.86 20.14
N ALA B 76 -28.99 17.91 20.86
CA ALA B 76 -29.64 17.26 21.99
C ALA B 76 -28.72 17.19 23.19
N LYS B 77 -29.30 17.05 24.38
CA LYS B 77 -28.51 16.99 25.59
C LYS B 77 -27.77 15.66 25.70
N ALA B 78 -26.57 15.70 26.27
CA ALA B 78 -25.78 14.50 26.45
C ALA B 78 -24.84 14.66 27.64
N PRO B 79 -24.70 13.62 28.46
CA PRO B 79 -23.84 13.71 29.65
C PRO B 79 -22.37 13.85 29.27
N LEU B 80 -21.61 14.61 30.05
CA LEU B 80 -20.18 14.80 29.80
C LEU B 80 -19.36 14.21 30.94
N LEU B 81 -18.39 13.38 30.57
CA LEU B 81 -17.49 12.73 31.50
C LEU B 81 -16.06 13.22 31.30
N GLU B 82 -15.29 13.33 32.38
CA GLU B 82 -13.87 13.64 32.25
C GLU B 82 -13.04 12.41 31.87
N LEU B 83 -12.15 12.57 30.90
CA LEU B 83 -11.21 11.50 30.55
C LEU B 83 -9.90 12.05 30.03
N ASP B 84 -8.86 11.93 30.84
CA ASP B 84 -7.49 12.16 30.40
C ASP B 84 -6.93 10.77 30.12
N VAL B 85 -6.61 10.48 28.86
CA VAL B 85 -6.22 9.12 28.50
C VAL B 85 -4.87 8.70 29.05
N GLN B 86 -4.11 9.64 29.60
CA GLN B 86 -2.86 9.31 30.27
C GLN B 86 -3.08 8.98 31.75
N ASN B 87 -4.31 9.17 32.21
CA ASN B 87 -4.64 8.96 33.61
C ASN B 87 -5.23 7.57 33.83
N GLU B 88 -4.44 6.71 34.47
CA GLU B 88 -4.84 5.33 34.68
C GLU B 88 -6.14 5.21 35.48
N GLU B 89 -6.31 6.11 36.45
CA GLU B 89 -7.52 6.10 37.27
C GLU B 89 -8.76 6.46 36.43
N HIS B 90 -8.63 7.43 35.53
CA HIS B 90 -9.72 7.80 34.65
C HIS B 90 -10.15 6.63 33.78
N LEU B 91 -9.17 5.91 33.25
CA LEU B 91 -9.44 4.77 32.40
C LEU B 91 -10.07 3.63 33.18
N ALA B 92 -9.57 3.39 34.39
CA ALA B 92 -10.10 2.32 35.23
C ALA B 92 -11.56 2.53 35.65
N SER B 93 -11.98 3.79 35.79
CA SER B 93 -13.33 4.10 36.21
C SER B 93 -14.28 4.39 35.06
N LEU B 94 -13.76 4.42 33.84
CA LEU B 94 -14.53 4.91 32.70
C LEU B 94 -15.80 4.11 32.46
N ALA B 95 -15.68 2.79 32.42
CA ALA B 95 -16.82 1.93 32.12
C ALA B 95 -17.97 2.13 33.11
N GLY B 96 -17.62 2.21 34.40
CA GLY B 96 -18.59 2.46 35.45
C GLY B 96 -19.24 3.84 35.36
N ARG B 97 -18.46 4.85 34.99
CA ARG B 97 -19.03 6.18 34.82
C ARG B 97 -19.93 6.25 33.60
N VAL B 98 -19.59 5.50 32.55
CA VAL B 98 -20.43 5.46 31.37
C VAL B 98 -21.75 4.76 31.71
N THR B 99 -21.65 3.62 32.39
CA THR B 99 -22.83 2.87 32.77
C THR B 99 -23.75 3.69 33.68
N GLU B 100 -23.18 4.52 34.53
CA GLU B 100 -23.98 5.41 35.36
C GLU B 100 -24.76 6.39 34.49
N ALA B 101 -24.11 6.86 33.43
CA ALA B 101 -24.72 7.81 32.51
C ALA B 101 -25.81 7.21 31.63
N ILE B 102 -25.63 5.96 31.20
CA ILE B 102 -26.59 5.34 30.28
C ILE B 102 -27.57 4.39 30.98
N GLY B 103 -27.32 4.12 32.24
CA GLY B 103 -28.19 3.26 33.03
C GLY B 103 -27.70 1.83 33.12
N ALA B 104 -27.80 1.25 34.30
CA ALA B 104 -27.42 -0.14 34.52
C ALA B 104 -28.17 -1.06 33.57
N GLY B 105 -27.48 -2.10 33.08
CA GLY B 105 -28.12 -3.03 32.16
C GLY B 105 -28.08 -2.57 30.72
N ASN B 106 -27.70 -1.32 30.49
CA ASN B 106 -27.48 -0.84 29.12
C ASN B 106 -26.00 -0.86 28.76
N LYS B 107 -25.72 -1.09 27.48
CA LYS B 107 -24.37 -1.05 26.95
C LYS B 107 -24.22 -0.09 25.77
N LEU B 108 -22.97 0.20 25.41
CA LEU B 108 -22.68 1.05 24.27
C LEU B 108 -22.71 0.26 22.97
N ASP B 109 -23.18 0.90 21.92
CA ASP B 109 -23.09 0.33 20.57
C ASP B 109 -21.95 0.95 19.79
N GLY B 110 -21.43 2.07 20.27
CA GLY B 110 -20.39 2.75 19.53
C GLY B 110 -19.43 3.54 20.40
N VAL B 111 -18.20 3.67 19.91
CA VAL B 111 -17.17 4.44 20.59
C VAL B 111 -16.40 5.21 19.55
N VAL B 112 -16.25 6.51 19.76
CA VAL B 112 -15.44 7.34 18.87
C VAL B 112 -14.23 7.89 19.62
N HIS B 113 -13.05 7.55 19.10
CA HIS B 113 -11.79 8.12 19.57
C HIS B 113 -11.43 9.26 18.60
N SER B 114 -11.44 10.50 19.09
CA SER B 114 -11.09 11.65 18.27
C SER B 114 -10.10 12.48 19.06
N ILE B 115 -9.01 11.85 19.42
CA ILE B 115 -8.06 12.39 20.37
C ILE B 115 -6.67 12.35 19.76
N GLY B 116 -5.97 13.48 19.87
CA GLY B 116 -4.61 13.56 19.38
C GLY B 116 -3.84 14.62 20.14
N PHE B 117 -2.53 14.42 20.24
CA PHE B 117 -1.64 15.41 20.81
C PHE B 117 -0.20 15.13 20.38
N MET B 118 0.54 16.19 20.12
CA MET B 118 1.99 16.07 19.96
C MET B 118 2.60 17.38 20.45
N PRO B 119 3.61 17.28 21.33
CA PRO B 119 4.26 18.52 21.75
C PRO B 119 4.86 19.29 20.58
N GLN B 120 4.99 20.61 20.76
CA GLN B 120 5.47 21.51 19.71
C GLN B 120 6.79 21.06 19.08
N THR B 121 7.67 20.49 19.89
CA THR B 121 8.96 20.00 19.38
C THR B 121 8.79 18.93 18.30
N GLY B 122 7.66 18.24 18.34
CA GLY B 122 7.41 17.16 17.40
C GLY B 122 6.75 17.55 16.09
N MET B 123 6.51 18.85 15.88
CA MET B 123 5.68 19.33 14.79
C MET B 123 6.21 20.59 14.11
N GLY B 124 5.73 20.82 12.90
CA GLY B 124 5.88 22.12 12.26
C GLY B 124 7.28 22.47 11.81
N ILE B 125 7.71 23.69 12.12
CA ILE B 125 9.03 24.16 11.69
C ILE B 125 10.16 23.57 12.53
N ASN B 126 9.81 22.95 13.66
CA ASN B 126 10.85 22.37 14.51
C ASN B 126 11.47 21.15 13.86
N PRO B 127 12.81 21.09 13.83
CA PRO B 127 13.49 20.00 13.12
C PRO B 127 13.10 18.65 13.67
N PHE B 128 12.82 17.71 12.76
CA PHE B 128 12.45 16.36 13.11
C PHE B 128 13.43 15.72 14.11
N PHE B 129 14.73 15.89 13.88
CA PHE B 129 15.71 15.26 14.76
C PHE B 129 15.79 15.87 16.16
N ASP B 130 15.22 17.05 16.36
CA ASP B 130 15.40 17.73 17.65
C ASP B 130 14.30 17.43 18.67
N ALA B 131 13.31 16.64 18.29
CA ALA B 131 12.25 16.29 19.23
C ALA B 131 12.77 15.23 20.20
N PRO B 132 12.78 15.55 21.50
CA PRO B 132 13.26 14.57 22.46
C PRO B 132 12.30 13.40 22.56
N TYR B 133 12.79 12.22 22.92
CA TYR B 133 11.88 11.09 23.01
C TYR B 133 10.76 11.28 24.05
N ALA B 134 11.01 11.99 25.14
CA ALA B 134 9.96 12.17 26.14
C ALA B 134 8.74 12.85 25.51
N ASP B 135 9.00 13.78 24.59
CA ASP B 135 7.92 14.48 23.89
C ASP B 135 7.21 13.58 22.88
N VAL B 136 8.00 12.89 22.06
CA VAL B 136 7.45 11.94 21.10
C VAL B 136 6.62 10.88 21.81
N SER B 137 7.11 10.39 22.94
CA SER B 137 6.42 9.34 23.67
C SER B 137 5.07 9.82 24.21
N LYS B 138 5.02 11.05 24.69
CA LYS B 138 3.75 11.60 25.16
C LYS B 138 2.74 11.66 24.02
N GLY B 139 3.20 12.09 22.85
CA GLY B 139 2.36 12.17 21.68
C GLY B 139 1.86 10.80 21.24
N ILE B 140 2.73 9.81 21.27
CA ILE B 140 2.33 8.46 20.87
C ILE B 140 1.37 7.85 21.91
N HIS B 141 1.58 8.20 23.18
CA HIS B 141 0.71 7.73 24.25
C HIS B 141 -0.71 8.21 23.97
N ILE B 142 -0.86 9.51 23.79
CA ILE B 142 -2.19 10.10 23.63
C ILE B 142 -2.82 9.78 22.27
N SER B 143 -2.01 9.76 21.23
CA SER B 143 -2.53 9.66 19.87
C SER B 143 -2.71 8.23 19.36
N ALA B 144 -1.94 7.29 19.90
CA ALA B 144 -1.97 5.92 19.39
C ALA B 144 -2.28 4.88 20.46
N TYR B 145 -1.50 4.84 21.54
CA TYR B 145 -1.72 3.84 22.56
C TYR B 145 -3.13 3.95 23.18
N SER B 146 -3.61 5.16 23.34
CA SER B 146 -4.90 5.37 23.99
C SER B 146 -6.07 4.80 23.20
N TYR B 147 -5.87 4.50 21.91
CA TYR B 147 -6.91 3.81 21.16
C TYR B 147 -7.10 2.42 21.74
N ALA B 148 -5.99 1.75 22.04
CA ALA B 148 -6.04 0.47 22.73
C ALA B 148 -6.59 0.62 24.16
N SER B 149 -6.13 1.65 24.87
CA SER B 149 -6.59 1.93 26.24
C SER B 149 -8.10 2.07 26.31
N MET B 150 -8.65 2.86 25.41
CA MET B 150 -10.08 3.09 25.41
CA MET B 150 -10.08 3.11 25.35
C MET B 150 -10.85 1.83 25.04
N ALA B 151 -10.33 1.06 24.08
CA ALA B 151 -10.99 -0.19 23.72
C ALA B 151 -10.96 -1.18 24.88
N LYS B 152 -9.84 -1.25 25.58
CA LYS B 152 -9.73 -2.14 26.74
C LYS B 152 -10.77 -1.79 27.79
N ALA B 153 -10.92 -0.49 28.04
CA ALA B 153 -11.89 -0.03 29.03
C ALA B 153 -13.34 -0.25 28.63
N LEU B 154 -13.65 -0.08 27.35
CA LEU B 154 -15.05 -0.01 26.91
C LEU B 154 -15.60 -1.28 26.28
N LEU B 155 -14.75 -2.13 25.71
CA LEU B 155 -15.27 -3.39 25.17
C LEU B 155 -16.15 -4.22 26.12
N PRO B 156 -15.78 -4.30 27.42
CA PRO B 156 -16.65 -5.05 28.33
C PRO B 156 -18.05 -4.47 28.51
N ILE B 157 -18.26 -3.23 28.06
CA ILE B 157 -19.59 -2.64 28.08
C ILE B 157 -20.12 -2.30 26.68
N MET B 158 -19.69 -3.06 25.68
CA MET B 158 -20.21 -2.88 24.32
C MET B 158 -21.06 -4.06 23.86
N ASN B 159 -22.11 -3.76 23.12
CA ASN B 159 -22.97 -4.80 22.53
C ASN B 159 -22.37 -5.42 21.28
N PRO B 160 -22.71 -6.69 21.01
CA PRO B 160 -22.38 -7.27 19.70
C PRO B 160 -22.96 -6.40 18.59
N GLY B 161 -22.25 -6.30 17.49
CA GLY B 161 -22.65 -5.45 16.38
C GLY B 161 -22.10 -4.05 16.54
N GLY B 162 -21.43 -3.84 17.67
CA GLY B 162 -20.90 -2.52 18.00
C GLY B 162 -19.72 -2.10 17.13
N SER B 163 -19.32 -0.85 17.30
CA SER B 163 -18.31 -0.25 16.43
C SER B 163 -17.45 0.75 17.18
N ILE B 164 -16.12 0.60 17.03
CA ILE B 164 -15.17 1.55 17.56
C ILE B 164 -14.50 2.22 16.37
N VAL B 165 -14.46 3.56 16.40
CA VAL B 165 -13.89 4.32 15.28
C VAL B 165 -12.89 5.33 15.83
N GLY B 166 -11.72 5.41 15.19
CA GLY B 166 -10.72 6.40 15.55
C GLY B 166 -10.41 7.29 14.36
N MET B 167 -9.80 8.46 14.61
CA MET B 167 -9.46 9.40 13.55
C MET B 167 -7.99 9.30 13.15
N ASP B 168 -7.74 9.24 11.84
CA ASP B 168 -6.41 9.03 11.28
C ASP B 168 -6.14 10.17 10.30
N PHE B 169 -4.87 10.38 9.99
CA PHE B 169 -4.47 11.22 8.87
C PHE B 169 -3.44 10.38 8.13
N ASP B 170 -3.69 10.09 6.86
CA ASP B 170 -2.91 9.10 6.12
C ASP B 170 -1.41 9.34 6.27
N PRO B 171 -0.70 8.41 6.93
CA PRO B 171 0.73 8.58 7.18
C PRO B 171 1.60 7.69 6.31
N SER B 172 1.03 7.15 5.23
CA SER B 172 1.72 6.23 4.32
CA SER B 172 1.76 6.20 4.40
C SER B 172 2.94 6.83 3.65
N ARG B 173 2.94 8.16 3.50
CA ARG B 173 4.06 8.90 2.91
C ARG B 173 4.47 10.02 3.84
N ALA B 174 5.74 10.38 3.85
CA ALA B 174 6.13 11.49 4.71
C ALA B 174 5.72 12.80 4.08
N MET B 175 5.74 13.86 4.87
CA MET B 175 5.28 15.15 4.37
C MET B 175 5.85 16.25 5.24
N PRO B 176 5.77 17.50 4.76
CA PRO B 176 6.25 18.60 5.59
C PRO B 176 5.42 18.75 6.87
N ALA B 177 6.06 19.26 7.92
CA ALA B 177 5.38 19.73 9.14
C ALA B 177 4.70 18.69 10.03
N TYR B 178 4.08 17.67 9.45
CA TYR B 178 3.34 16.72 10.26
C TYR B 178 4.28 15.87 11.12
N ASN B 179 5.51 15.68 10.63
CA ASN B 179 6.62 15.19 11.44
C ASN B 179 6.28 14.01 12.34
N TRP B 180 6.44 14.17 13.66
CA TRP B 180 6.24 13.02 14.55
C TRP B 180 4.79 12.58 14.71
N MET B 181 3.84 13.48 14.43
CA MET B 181 2.45 13.04 14.41
C MET B 181 2.25 11.98 13.33
N THR B 182 3.01 12.09 12.24
CA THR B 182 2.89 11.09 11.18
C THR B 182 3.29 9.72 11.73
N VAL B 183 4.32 9.71 12.56
CA VAL B 183 4.78 8.48 13.18
C VAL B 183 3.72 7.94 14.13
N ALA B 184 3.14 8.83 14.92
CA ALA B 184 2.04 8.42 15.81
C ALA B 184 0.86 7.84 15.05
N LYS B 185 0.49 8.44 13.91
CA LYS B 185 -0.59 7.87 13.11
C LYS B 185 -0.24 6.52 12.50
N SER B 186 1.01 6.35 12.09
CA SER B 186 1.43 5.03 11.61
C SER B 186 1.28 3.99 12.70
N ALA B 187 1.69 4.36 13.92
CA ALA B 187 1.48 3.49 15.08
C ALA B 187 -0.01 3.21 15.32
N LEU B 188 -0.85 4.25 15.24
CA LEU B 188 -2.29 4.10 15.44
C LEU B 188 -2.91 3.10 14.46
N GLU B 189 -2.49 3.15 13.20
CA GLU B 189 -3.00 2.23 12.19
C GLU B 189 -2.70 0.79 12.57
N SER B 190 -1.49 0.56 13.07
CA SER B 190 -1.11 -0.77 13.52
C SER B 190 -1.92 -1.17 14.76
N VAL B 191 -2.05 -0.25 15.72
CA VAL B 191 -2.84 -0.53 16.91
C VAL B 191 -4.27 -0.93 16.53
N ASN B 192 -4.86 -0.21 15.59
CA ASN B 192 -6.21 -0.50 15.15
C ASN B 192 -6.38 -1.94 14.66
N ARG B 193 -5.38 -2.46 13.93
CA ARG B 193 -5.48 -3.82 13.44
C ARG B 193 -5.47 -4.84 14.58
N PHE B 194 -4.72 -4.54 15.65
CA PHE B 194 -4.75 -5.43 16.81
C PHE B 194 -6.00 -5.25 17.67
N VAL B 195 -6.49 -4.02 17.76
CA VAL B 195 -7.73 -3.79 18.50
C VAL B 195 -8.85 -4.55 17.81
N ALA B 196 -8.81 -4.63 16.48
CA ALA B 196 -9.83 -5.39 15.74
C ALA B 196 -9.85 -6.86 16.14
N ARG B 197 -8.68 -7.44 16.40
CA ARG B 197 -8.61 -8.83 16.88
C ARG B 197 -9.29 -9.01 18.23
N GLU B 198 -9.04 -8.09 19.14
CA GLU B 198 -9.69 -8.13 20.45
C GLU B 198 -11.17 -7.85 20.35
N ALA B 199 -11.53 -6.81 19.60
CA ALA B 199 -12.92 -6.40 19.51
C ALA B 199 -13.80 -7.49 18.88
N GLY B 200 -13.22 -8.26 17.97
CA GLY B 200 -13.95 -9.32 17.30
C GLY B 200 -14.51 -10.37 18.24
N LYS B 201 -13.83 -10.55 19.36
CA LYS B 201 -14.28 -11.49 20.39
C LYS B 201 -15.62 -11.07 21.00
N TYR B 202 -15.90 -9.77 20.91
CA TYR B 202 -17.14 -9.18 21.41
C TYR B 202 -18.15 -8.91 20.30
N GLY B 203 -17.80 -9.29 19.06
CA GLY B 203 -18.65 -9.02 17.92
C GLY B 203 -18.65 -7.55 17.55
N VAL B 204 -17.56 -6.89 17.89
CA VAL B 204 -17.39 -5.45 17.68
C VAL B 204 -16.33 -5.18 16.60
N ARG B 205 -16.61 -4.18 15.75
CA ARG B 205 -15.68 -3.75 14.71
C ARG B 205 -14.78 -2.62 15.23
N SER B 206 -13.58 -2.52 14.67
CA SER B 206 -12.68 -1.42 14.96
C SER B 206 -12.15 -0.91 13.63
N ASN B 207 -12.30 0.39 13.38
CA ASN B 207 -11.82 1.00 12.14
C ASN B 207 -11.36 2.43 12.35
N LEU B 208 -10.56 2.94 11.42
CA LEU B 208 -10.17 4.34 11.47
C LEU B 208 -10.77 5.06 10.28
N VAL B 209 -11.06 6.35 10.47
CA VAL B 209 -11.39 7.21 9.34
C VAL B 209 -10.20 8.12 9.12
N ALA B 210 -9.59 8.00 7.94
CA ALA B 210 -8.49 8.88 7.57
C ALA B 210 -9.10 10.09 6.87
N ALA B 211 -9.12 11.21 7.57
CA ALA B 211 -9.75 12.41 7.06
C ALA B 211 -8.76 13.29 6.34
N GLY B 212 -9.25 14.06 5.36
CA GLY B 212 -8.47 15.14 4.80
C GLY B 212 -8.30 16.26 5.82
N PRO B 213 -7.51 17.28 5.47
CA PRO B 213 -7.27 18.38 6.40
C PRO B 213 -8.55 19.17 6.66
N ILE B 214 -8.82 19.45 7.93
CA ILE B 214 -10.00 20.21 8.32
C ILE B 214 -9.55 21.35 9.21
N ARG B 215 -10.09 22.54 8.95
CA ARG B 215 -9.69 23.73 9.70
C ARG B 215 -10.30 23.74 11.09
N THR B 216 -9.83 22.83 11.93
CA THR B 216 -10.21 22.84 13.32
C THR B 216 -9.23 23.77 13.99
N LEU B 217 -9.47 24.08 15.25
CA LEU B 217 -8.56 24.94 15.97
C LEU B 217 -7.31 24.19 16.43
N ALA B 218 -7.10 23.00 15.87
CA ALA B 218 -5.88 22.25 16.13
C ALA B 218 -4.81 22.62 15.12
N MET B 219 -5.17 23.43 14.13
CA MET B 219 -4.26 23.71 13.02
C MET B 219 -3.02 24.48 13.44
N SER B 220 -3.12 25.27 14.51
CA SER B 220 -1.99 26.03 15.03
CA SER B 220 -1.98 26.03 14.99
C SER B 220 -0.83 25.11 15.40
N ALA B 221 -1.16 23.88 15.76
CA ALA B 221 -0.14 22.89 16.12
C ALA B 221 0.74 22.54 14.93
N ILE B 222 0.23 22.76 13.73
CA ILE B 222 1.00 22.47 12.54
C ILE B 222 1.62 23.72 11.91
N VAL B 223 0.81 24.77 11.79
CA VAL B 223 1.23 25.95 11.05
C VAL B 223 1.79 27.06 11.96
N GLY B 224 1.70 26.86 13.27
CA GLY B 224 2.18 27.86 14.22
C GLY B 224 3.63 28.28 14.00
N GLY B 225 3.85 29.56 13.77
CA GLY B 225 5.18 30.11 13.57
C GLY B 225 5.80 29.83 12.21
N ALA B 226 5.01 29.25 11.30
CA ALA B 226 5.56 28.80 10.02
C ALA B 226 5.61 29.87 8.95
N LEU B 227 5.01 31.02 9.19
CA LEU B 227 5.03 32.08 8.19
C LEU B 227 6.43 32.68 8.10
N GLY B 228 6.95 32.74 6.88
CA GLY B 228 8.29 33.27 6.66
C GLY B 228 9.30 32.14 6.60
N GLU B 229 8.90 30.98 7.11
CA GLU B 229 9.73 29.79 7.05
C GLU B 229 9.30 28.97 5.84
N GLU B 230 10.17 28.05 5.42
CA GLU B 230 9.88 27.22 4.26
C GLU B 230 8.63 26.37 4.48
N ALA B 231 8.42 25.93 5.72
CA ALA B 231 7.30 25.06 6.05
C ALA B 231 5.95 25.72 5.78
N GLY B 232 5.89 27.04 5.92
CA GLY B 232 4.65 27.78 5.73
C GLY B 232 4.07 27.58 4.33
N ALA B 233 4.88 27.84 3.33
CA ALA B 233 4.46 27.65 1.95
C ALA B 233 4.20 26.18 1.65
N GLN B 234 5.00 25.28 2.23
CA GLN B 234 4.82 23.85 2.02
C GLN B 234 3.49 23.35 2.56
N ILE B 235 3.09 23.85 3.72
CA ILE B 235 1.82 23.48 4.30
C ILE B 235 0.67 23.94 3.42
N GLN B 236 0.73 25.18 2.94
CA GLN B 236 -0.33 25.67 2.08
C GLN B 236 -0.36 24.91 0.75
N LEU B 237 0.81 24.58 0.21
CA LEU B 237 0.89 23.80 -1.02
C LEU B 237 0.22 22.43 -0.83
N LEU B 238 0.46 21.81 0.33
CA LEU B 238 -0.15 20.52 0.60
C LEU B 238 -1.67 20.65 0.64
N GLU B 239 -2.17 21.69 1.30
CA GLU B 239 -3.60 21.90 1.43
C GLU B 239 -4.28 22.20 0.10
N GLU B 240 -3.67 23.05 -0.72
CA GLU B 240 -4.24 23.35 -2.02
C GLU B 240 -4.19 22.16 -2.94
N GLY B 241 -3.09 21.42 -2.86
CA GLY B 241 -2.92 20.19 -3.63
C GLY B 241 -3.97 19.15 -3.29
N TRP B 242 -4.45 19.16 -2.05
CA TRP B 242 -5.48 18.21 -1.63
C TRP B 242 -6.78 18.38 -2.40
N ASP B 243 -7.26 19.61 -2.45
CA ASP B 243 -8.45 19.93 -3.23
C ASP B 243 -8.21 19.61 -4.71
N GLN B 244 -7.01 19.90 -5.19
CA GLN B 244 -6.70 19.62 -6.59
C GLN B 244 -6.79 18.12 -6.89
N ARG B 245 -6.14 17.31 -6.07
CA ARG B 245 -6.09 15.87 -6.28
C ARG B 245 -7.43 15.17 -6.05
N ALA B 246 -8.23 15.68 -5.12
CA ALA B 246 -9.53 15.08 -4.83
C ALA B 246 -10.43 15.17 -6.04
N PRO B 247 -10.88 14.01 -6.58
CA PRO B 247 -11.72 14.10 -7.78
C PRO B 247 -13.03 14.83 -7.55
N ILE B 248 -13.52 14.83 -6.31
CA ILE B 248 -14.74 15.56 -5.99
C ILE B 248 -14.46 16.82 -5.18
N GLY B 249 -13.18 17.19 -5.11
CA GLY B 249 -12.79 18.38 -4.37
C GLY B 249 -12.74 18.14 -2.88
N TRP B 250 -12.18 19.11 -2.16
CA TRP B 250 -12.05 19.01 -0.73
C TRP B 250 -12.18 20.38 -0.08
N ASN B 251 -13.17 20.51 0.79
CA ASN B 251 -13.36 21.76 1.52
C ASN B 251 -12.90 21.64 2.97
N MET B 252 -11.76 22.25 3.27
CA MET B 252 -11.19 22.19 4.62
C MET B 252 -12.09 22.82 5.68
N LYS B 253 -13.03 23.66 5.25
CA LYS B 253 -13.92 24.30 6.22
C LYS B 253 -15.16 23.48 6.55
N ASP B 254 -15.28 22.31 5.95
CA ASP B 254 -16.51 21.51 6.07
C ASP B 254 -16.22 20.15 6.70
N ALA B 255 -16.50 20.02 7.98
CA ALA B 255 -16.26 18.76 8.69
C ALA B 255 -17.38 17.73 8.48
N THR B 256 -18.52 18.18 7.94
CA THR B 256 -19.68 17.30 7.80
C THR B 256 -19.42 16.00 7.04
N PRO B 257 -18.70 16.06 5.90
CA PRO B 257 -18.48 14.78 5.23
C PRO B 257 -17.69 13.78 6.07
N VAL B 258 -16.73 14.26 6.86
CA VAL B 258 -15.97 13.38 7.75
C VAL B 258 -16.88 12.84 8.84
N ALA B 259 -17.71 13.71 9.41
CA ALA B 259 -18.64 13.28 10.45
C ALA B 259 -19.60 12.21 9.94
N LYS B 260 -20.10 12.39 8.71
CA LYS B 260 -21.01 11.40 8.14
C LYS B 260 -20.33 10.05 7.96
N THR B 261 -19.07 10.09 7.54
CA THR B 261 -18.31 8.86 7.33
C THR B 261 -18.14 8.08 8.64
N VAL B 262 -17.84 8.79 9.72
CA VAL B 262 -17.75 8.15 11.03
C VAL B 262 -19.09 7.53 11.40
N CYS B 263 -20.17 8.25 11.16
CA CYS B 263 -21.51 7.72 11.41
C CYS B 263 -21.82 6.47 10.58
N ALA B 264 -21.37 6.44 9.33
CA ALA B 264 -21.52 5.22 8.53
C ALA B 264 -20.85 4.01 9.19
N LEU B 265 -19.65 4.21 9.74
CA LEU B 265 -18.96 3.11 10.41
C LEU B 265 -19.64 2.72 11.72
N LEU B 266 -20.26 3.69 12.38
CA LEU B 266 -20.98 3.41 13.61
C LEU B 266 -22.28 2.67 13.34
N SER B 267 -22.75 2.75 12.10
CA SER B 267 -24.04 2.19 11.72
C SER B 267 -23.95 0.69 11.46
N ASP B 268 -25.07 0.10 11.06
CA ASP B 268 -25.12 -1.32 10.75
C ASP B 268 -24.78 -1.60 9.29
N TRP B 269 -24.35 -0.57 8.57
CA TRP B 269 -24.23 -0.65 7.11
C TRP B 269 -22.84 -0.96 6.57
N LEU B 270 -21.87 -1.09 7.47
CA LEU B 270 -20.56 -1.60 7.09
C LEU B 270 -20.21 -2.75 8.03
N PRO B 271 -21.02 -3.82 8.01
CA PRO B 271 -20.89 -4.86 9.03
C PRO B 271 -19.74 -5.81 8.81
N ALA B 272 -19.08 -5.76 7.66
CA ALA B 272 -18.03 -6.72 7.35
C ALA B 272 -16.68 -6.03 7.22
N THR B 273 -16.57 -4.83 7.78
CA THR B 273 -15.33 -4.08 7.71
C THR B 273 -14.76 -3.92 9.10
N THR B 274 -13.52 -4.38 9.30
CA THR B 274 -12.86 -4.20 10.58
C THR B 274 -11.35 -4.26 10.44
N GLY B 275 -10.63 -3.66 11.40
CA GLY B 275 -9.19 -3.51 11.31
C GLY B 275 -8.74 -2.65 10.16
N ASP B 276 -9.64 -1.80 9.66
CA ASP B 276 -9.46 -1.14 8.38
C ASP B 276 -9.47 0.36 8.49
N ILE B 277 -9.23 1.00 7.35
CA ILE B 277 -9.18 2.45 7.26
C ILE B 277 -10.08 2.90 6.12
N ILE B 278 -11.02 3.80 6.42
CA ILE B 278 -11.89 4.36 5.41
C ILE B 278 -11.43 5.79 5.18
N TYR B 279 -11.19 6.15 3.92
CA TYR B 279 -10.65 7.48 3.62
C TYR B 279 -11.74 8.47 3.30
N ALA B 280 -11.90 9.46 4.19
CA ALA B 280 -12.85 10.55 3.96
C ALA B 280 -12.02 11.79 3.62
N ASP B 281 -11.52 11.80 2.39
CA ASP B 281 -10.51 12.78 2.00
C ASP B 281 -10.76 13.31 0.59
N GLY B 282 -11.96 13.13 0.09
CA GLY B 282 -12.31 13.59 -1.25
C GLY B 282 -11.71 12.72 -2.35
N GLY B 283 -11.13 11.59 -1.95
CA GLY B 283 -10.44 10.71 -2.88
C GLY B 283 -9.01 11.12 -3.15
N ALA B 284 -8.52 12.12 -2.43
CA ALA B 284 -7.20 12.66 -2.74
C ALA B 284 -6.08 11.62 -2.69
N HIS B 285 -6.17 10.69 -1.74
CA HIS B 285 -5.06 9.73 -1.58
C HIS B 285 -4.99 8.74 -2.74
N THR B 286 -6.00 8.76 -3.62
CA THR B 286 -6.01 7.82 -4.76
C THR B 286 -5.43 8.45 -6.02
N GLN B 287 -4.96 9.70 -5.88
CA GLN B 287 -4.53 10.48 -7.05
C GLN B 287 -3.16 11.04 -6.79
N LEU B 288 -2.28 10.96 -7.79
CA LEU B 288 -0.92 11.43 -7.61
C LEU B 288 -0.84 12.92 -7.95
N LEU B 289 -1.62 13.33 -8.94
CA LEU B 289 -1.79 14.74 -9.25
C LEU B 289 -3.19 14.94 -9.82
N THR C 22 37.50 -5.04 -5.92
CA THR C 22 36.66 -6.01 -6.60
C THR C 22 35.42 -6.33 -5.75
N GLY C 23 35.47 -5.97 -4.47
CA GLY C 23 34.34 -6.20 -3.59
C GLY C 23 33.22 -5.22 -3.81
N LEU C 24 31.99 -5.66 -3.54
CA LEU C 24 30.82 -4.82 -3.67
C LEU C 24 30.93 -3.54 -2.85
N LEU C 25 31.64 -3.62 -1.73
CA LEU C 25 31.72 -2.51 -0.78
C LEU C 25 33.17 -2.06 -0.59
N ASP C 26 33.99 -2.28 -1.62
CA ASP C 26 35.41 -1.97 -1.52
C ASP C 26 35.66 -0.51 -1.14
N GLY C 27 36.40 -0.32 -0.05
CA GLY C 27 36.79 1.01 0.37
C GLY C 27 35.75 1.72 1.21
N LYS C 28 34.59 1.10 1.40
CA LYS C 28 33.53 1.74 2.18
C LYS C 28 33.73 1.54 3.68
N ARG C 29 33.44 2.58 4.44
CA ARG C 29 33.50 2.52 5.90
C ARG C 29 32.08 2.47 6.43
N ILE C 30 31.75 1.41 7.17
CA ILE C 30 30.37 1.14 7.53
C ILE C 30 30.25 0.83 9.02
N LEU C 31 29.29 1.48 9.68
CA LEU C 31 29.00 1.20 11.07
C LEU C 31 27.90 0.15 11.13
N VAL C 32 28.11 -0.91 11.92
CA VAL C 32 27.09 -1.94 12.10
C VAL C 32 26.73 -2.11 13.57
N SER C 33 25.47 -1.83 13.88
CA SER C 33 24.96 -2.00 15.24
C SER C 33 24.27 -3.36 15.31
N GLY C 34 24.05 -3.85 16.53
CA GLY C 34 23.13 -4.97 16.73
C GLY C 34 23.71 -6.38 16.80
N ILE C 35 25.02 -6.53 16.83
CA ILE C 35 25.58 -7.86 17.06
C ILE C 35 25.44 -8.22 18.54
N ILE C 36 24.85 -9.39 18.82
CA ILE C 36 24.88 -9.94 20.17
C ILE C 36 25.35 -11.40 20.16
N THR C 37 24.96 -12.17 19.14
CA THR C 37 25.51 -13.51 18.97
C THR C 37 25.92 -13.73 17.52
N ASP C 38 26.54 -14.87 17.22
CA ASP C 38 26.89 -15.14 15.84
C ASP C 38 25.69 -15.56 14.99
N SER C 39 24.51 -15.58 15.60
CA SER C 39 23.28 -15.78 14.85
C SER C 39 22.60 -14.46 14.51
N SER C 40 23.05 -13.37 15.13
CA SER C 40 22.46 -12.05 14.87
C SER C 40 22.48 -11.70 13.39
N ILE C 41 21.39 -11.10 12.92
CA ILE C 41 21.36 -10.64 11.54
C ILE C 41 22.55 -9.72 11.31
N ALA C 42 22.84 -8.87 12.30
CA ALA C 42 23.96 -7.94 12.20
C ALA C 42 25.31 -8.63 12.05
N PHE C 43 25.45 -9.81 12.64
CA PHE C 43 26.71 -10.54 12.52
C PHE C 43 26.95 -10.95 11.07
N HIS C 44 25.91 -11.47 10.45
CA HIS C 44 26.00 -11.88 9.05
C HIS C 44 26.17 -10.70 8.11
N ILE C 45 25.52 -9.59 8.44
CA ILE C 45 25.71 -8.37 7.67
C ILE C 45 27.17 -7.96 7.75
N ALA C 46 27.73 -7.97 8.97
CA ALA C 46 29.13 -7.60 9.15
C ALA C 46 30.06 -8.52 8.38
N ARG C 47 29.81 -9.82 8.46
CA ARG C 47 30.64 -10.80 7.78
C ARG C 47 30.65 -10.59 6.26
N VAL C 48 29.45 -10.49 5.68
CA VAL C 48 29.35 -10.32 4.24
C VAL C 48 29.98 -9.00 3.81
N ALA C 49 29.74 -7.94 4.59
CA ALA C 49 30.31 -6.63 4.26
C ALA C 49 31.85 -6.69 4.25
N GLN C 50 32.45 -7.34 5.24
CA GLN C 50 33.91 -7.47 5.24
C GLN C 50 34.41 -8.33 4.08
N GLU C 51 33.67 -9.40 3.76
CA GLU C 51 34.00 -10.23 2.61
C GLU C 51 34.02 -9.41 1.33
N GLN C 52 33.18 -8.37 1.30
CA GLN C 52 33.04 -7.51 0.13
C GLN C 52 33.88 -6.22 0.22
N GLY C 53 34.83 -6.20 1.15
CA GLY C 53 35.85 -5.15 1.15
C GLY C 53 35.60 -3.96 2.07
N ALA C 54 34.51 -4.01 2.82
CA ALA C 54 34.18 -2.93 3.75
C ALA C 54 35.08 -2.91 4.97
N GLN C 55 35.35 -1.70 5.46
CA GLN C 55 36.00 -1.49 6.75
C GLN C 55 34.92 -1.14 7.78
N LEU C 56 34.80 -1.90 8.86
CA LEU C 56 33.69 -1.71 9.78
C LEU C 56 34.07 -1.05 11.10
N VAL C 57 33.08 -0.37 11.68
CA VAL C 57 33.08 -0.05 13.10
C VAL C 57 31.79 -0.65 13.63
N LEU C 58 31.87 -1.31 14.78
CA LEU C 58 30.72 -2.02 15.34
C LEU C 58 30.24 -1.29 16.58
N THR C 59 28.94 -1.38 16.87
CA THR C 59 28.43 -0.93 18.16
C THR C 59 27.68 -2.04 18.86
N GLY C 60 27.77 -2.05 20.17
CA GLY C 60 27.14 -3.10 20.95
C GLY C 60 26.51 -2.54 22.21
N PHE C 61 25.55 -3.30 22.72
CA PHE C 61 24.79 -2.89 23.88
C PHE C 61 24.96 -3.85 25.03
N ASP C 62 25.32 -3.29 26.18
CA ASP C 62 25.31 -3.97 27.48
C ASP C 62 26.44 -5.01 27.64
N ARG C 63 26.35 -6.12 26.91
CA ARG C 63 27.31 -7.23 27.07
C ARG C 63 28.53 -7.08 26.16
N LEU C 64 29.27 -6.01 26.34
CA LEU C 64 30.37 -5.67 25.44
CA LEU C 64 30.37 -5.65 25.43
C LEU C 64 31.48 -6.70 25.36
N ARG C 65 31.85 -7.28 26.49
CA ARG C 65 32.94 -8.26 26.46
C ARG C 65 32.51 -9.50 25.67
N LEU C 66 31.26 -9.91 25.88
CA LEU C 66 30.70 -11.02 25.13
C LEU C 66 30.68 -10.71 23.64
N ILE C 67 30.23 -9.51 23.30
CA ILE C 67 30.16 -9.10 21.92
C ILE C 67 31.56 -9.10 21.29
N GLN C 68 32.55 -8.64 22.03
CA GLN C 68 33.93 -8.67 21.53
C GLN C 68 34.37 -10.09 21.15
N ARG C 69 34.03 -11.05 22.00
CA ARG C 69 34.37 -12.45 21.72
C ARG C 69 33.67 -12.93 20.45
N ILE C 70 32.42 -12.52 20.27
CA ILE C 70 31.67 -12.85 19.06
C ILE C 70 32.36 -12.26 17.84
N THR C 71 32.74 -11.00 17.92
CA THR C 71 33.31 -10.32 16.75
C THR C 71 34.72 -10.77 16.42
N ASP C 72 35.35 -11.52 17.32
CA ASP C 72 36.63 -12.14 17.03
C ASP C 72 36.48 -13.24 15.99
N ARG C 73 35.23 -13.61 15.67
CA ARG C 73 34.94 -14.64 14.68
C ARG C 73 34.78 -14.08 13.28
N LEU C 74 34.68 -12.76 13.17
CA LEU C 74 34.58 -12.11 11.86
C LEU C 74 35.93 -12.14 11.12
N PRO C 75 35.89 -11.99 9.78
CA PRO C 75 37.12 -12.01 8.98
C PRO C 75 38.17 -11.02 9.43
N ALA C 76 37.74 -9.86 9.94
CA ALA C 76 38.68 -8.86 10.42
C ALA C 76 38.18 -8.27 11.72
N LYS C 77 39.10 -8.03 12.65
CA LYS C 77 38.70 -7.46 13.93
C LYS C 77 38.45 -5.97 13.76
N ALA C 78 37.22 -5.55 14.10
CA ALA C 78 36.78 -4.17 13.95
C ALA C 78 36.63 -3.56 15.34
N PRO C 79 36.82 -2.23 15.43
CA PRO C 79 36.60 -1.56 16.73
C PRO C 79 35.14 -1.66 17.16
N LEU C 80 34.94 -1.89 18.45
CA LEU C 80 33.60 -1.98 19.02
C LEU C 80 33.36 -0.81 19.97
N LEU C 81 32.30 -0.06 19.71
CA LEU C 81 31.93 1.09 20.52
C LEU C 81 30.64 0.77 21.29
N GLU C 82 30.57 1.20 22.55
CA GLU C 82 29.34 1.01 23.31
C GLU C 82 28.25 1.97 22.86
N LEU C 83 27.05 1.45 22.64
CA LEU C 83 25.92 2.30 22.29
C LEU C 83 24.62 1.70 22.79
N ASP C 84 24.11 2.27 23.87
CA ASP C 84 22.75 2.02 24.35
C ASP C 84 21.94 3.17 23.78
N VAL C 85 21.03 2.86 22.87
CA VAL C 85 20.30 3.93 22.18
C VAL C 85 19.35 4.71 23.09
N GLN C 86 19.15 4.25 24.31
CA GLN C 86 18.34 5.04 25.27
C GLN C 86 19.22 5.98 26.08
N ASN C 87 20.51 5.89 25.87
CA ASN C 87 21.45 6.73 26.61
C ASN C 87 21.85 7.97 25.81
N GLU C 88 21.38 9.13 26.27
CA GLU C 88 21.64 10.39 25.58
C GLU C 88 23.12 10.71 25.48
N GLU C 89 23.86 10.36 26.53
CA GLU C 89 25.31 10.59 26.54
C GLU C 89 26.00 9.77 25.46
N HIS C 90 25.62 8.50 25.32
CA HIS C 90 26.17 7.64 24.27
C HIS C 90 25.93 8.23 22.89
N LEU C 91 24.72 8.73 22.67
CA LEU C 91 24.39 9.29 21.37
C LEU C 91 25.14 10.60 21.11
N ALA C 92 25.29 11.42 22.14
CA ALA C 92 26.00 12.69 21.98
C ALA C 92 27.47 12.50 21.64
N SER C 93 28.07 11.43 22.15
CA SER C 93 29.50 11.18 21.93
C SER C 93 29.77 10.26 20.75
N LEU C 94 28.72 9.72 20.15
CA LEU C 94 28.88 8.67 19.14
C LEU C 94 29.73 9.07 17.94
N ALA C 95 29.42 10.21 17.33
CA ALA C 95 30.14 10.63 16.13
C ALA C 95 31.62 10.82 16.37
N GLY C 96 31.96 11.44 17.50
CA GLY C 96 33.34 11.62 17.88
C GLY C 96 34.06 10.30 18.07
N ARG C 97 33.39 9.36 18.73
CA ARG C 97 33.99 8.04 18.98
C ARG C 97 34.16 7.25 17.69
N VAL C 98 33.20 7.39 16.77
CA VAL C 98 33.31 6.76 15.46
C VAL C 98 34.48 7.33 14.68
N THR C 99 34.59 8.65 14.69
CA THR C 99 35.67 9.32 13.97
C THR C 99 37.05 8.90 14.48
N GLU C 100 37.19 8.74 15.79
CA GLU C 100 38.44 8.25 16.35
C GLU C 100 38.73 6.83 15.90
N ALA C 101 37.69 6.00 15.81
CA ALA C 101 37.85 4.60 15.44
C ALA C 101 38.22 4.41 13.97
N ILE C 102 37.61 5.21 13.10
CA ILE C 102 37.85 5.06 11.66
C ILE C 102 38.96 5.99 11.19
N GLY C 103 39.45 6.82 12.09
CA GLY C 103 40.51 7.76 11.79
C GLY C 103 39.95 9.11 11.38
N ALA C 104 40.43 10.16 12.04
CA ALA C 104 40.04 11.51 11.68
C ALA C 104 40.38 11.74 10.22
N GLY C 105 39.57 12.53 9.53
CA GLY C 105 39.74 12.71 8.10
C GLY C 105 38.89 11.73 7.29
N ASN C 106 38.46 10.64 7.93
CA ASN C 106 37.58 9.69 7.27
C ASN C 106 36.14 9.86 7.73
N LYS C 107 35.22 9.58 6.81
CA LYS C 107 33.80 9.63 7.13
C LYS C 107 33.17 8.26 6.84
N LEU C 108 31.95 8.07 7.31
CA LEU C 108 31.21 6.84 7.07
C LEU C 108 30.50 6.86 5.72
N ASP C 109 30.46 5.70 5.07
CA ASP C 109 29.67 5.52 3.85
C ASP C 109 28.39 4.77 4.13
N GLY C 110 28.35 4.06 5.25
CA GLY C 110 27.14 3.31 5.58
C GLY C 110 26.90 3.20 7.07
N VAL C 111 25.63 3.01 7.41
CA VAL C 111 25.19 2.79 8.78
C VAL C 111 24.13 1.71 8.76
N VAL C 112 24.28 0.71 9.63
CA VAL C 112 23.28 -0.34 9.76
C VAL C 112 22.68 -0.32 11.15
N HIS C 113 21.37 -0.11 11.20
CA HIS C 113 20.60 -0.20 12.43
C HIS C 113 19.99 -1.59 12.45
N SER C 114 20.44 -2.43 13.37
CA SER C 114 19.89 -3.78 13.48
C SER C 114 19.58 -4.04 14.95
N ILE C 115 18.66 -3.23 15.46
CA ILE C 115 18.40 -3.14 16.88
C ILE C 115 16.89 -3.21 17.12
N GLY C 116 16.51 -3.92 18.17
CA GLY C 116 15.10 -3.97 18.52
C GLY C 116 14.95 -4.50 19.91
N PHE C 117 13.83 -4.15 20.54
CA PHE C 117 13.47 -4.69 21.84
C PHE C 117 12.02 -4.40 22.12
N MET C 118 11.37 -5.35 22.79
CA MET C 118 10.05 -5.13 23.33
C MET C 118 9.93 -5.96 24.60
N PRO C 119 9.47 -5.36 25.71
CA PRO C 119 9.29 -6.17 26.91
C PRO C 119 8.33 -7.32 26.68
N GLN C 120 8.46 -8.37 27.48
CA GLN C 120 7.62 -9.55 27.34
C GLN C 120 6.12 -9.25 27.39
N THR C 121 5.71 -8.26 28.19
CA THR C 121 4.29 -7.90 28.25
C THR C 121 3.74 -7.51 26.88
N GLY C 122 4.63 -7.05 26.00
CA GLY C 122 4.22 -6.59 24.69
C GLY C 122 4.26 -7.65 23.60
N MET C 123 4.53 -8.91 23.98
CA MET C 123 4.75 -9.99 23.02
C MET C 123 4.01 -11.29 23.31
N GLY C 124 3.91 -12.12 22.28
CA GLY C 124 3.53 -13.51 22.46
C GLY C 124 2.09 -13.70 22.89
N ILE C 125 1.89 -14.61 23.84
CA ILE C 125 0.54 -14.91 24.31
C ILE C 125 0.08 -13.95 25.41
N ASN C 126 0.93 -13.00 25.77
CA ASN C 126 0.49 -12.00 26.75
C ASN C 126 -0.54 -11.10 26.09
N PRO C 127 -1.65 -10.85 26.79
CA PRO C 127 -2.74 -10.11 26.16
C PRO C 127 -2.33 -8.72 25.68
N PHE C 128 -2.67 -8.42 24.44
CA PHE C 128 -2.34 -7.12 23.84
C PHE C 128 -2.72 -5.95 24.76
N PHE C 129 -3.90 -6.01 25.35
CA PHE C 129 -4.37 -4.90 26.17
C PHE C 129 -3.64 -4.74 27.49
N ASP C 130 -2.90 -5.77 27.91
CA ASP C 130 -2.29 -5.75 29.24
C ASP C 130 -0.87 -5.18 29.26
N ALA C 131 -0.32 -4.86 28.08
CA ALA C 131 1.00 -4.21 28.03
C ALA C 131 0.89 -2.76 28.50
N PRO C 132 1.57 -2.42 29.61
CA PRO C 132 1.55 -1.05 30.14
C PRO C 132 2.27 -0.11 29.18
N TYR C 133 1.86 1.16 29.12
CA TYR C 133 2.51 2.05 28.17
C TYR C 133 4.01 2.22 28.44
N ALA C 134 4.43 2.17 29.70
CA ALA C 134 5.87 2.26 29.97
C ALA C 134 6.66 1.19 29.23
N ASP C 135 6.10 -0.01 29.13
CA ASP C 135 6.75 -1.11 28.41
C ASP C 135 6.72 -0.87 26.90
N VAL C 136 5.57 -0.50 26.38
CA VAL C 136 5.43 -0.21 24.94
C VAL C 136 6.35 0.93 24.55
N SER C 137 6.38 1.97 25.37
CA SER C 137 7.22 3.12 25.12
C SER C 137 8.71 2.75 25.07
N LYS C 138 9.16 1.88 25.96
CA LYS C 138 10.56 1.44 25.91
C LYS C 138 10.86 0.74 24.59
N GLY C 139 9.93 -0.12 24.17
CA GLY C 139 10.10 -0.85 22.93
C GLY C 139 10.12 0.07 21.72
N ILE C 140 9.24 1.07 21.70
CA ILE C 140 9.22 2.02 20.60
C ILE C 140 10.49 2.89 20.60
N HIS C 141 11.00 3.24 21.79
CA HIS C 141 12.21 4.03 21.88
C HIS C 141 13.37 3.28 21.22
N ILE C 142 13.55 2.04 21.63
CA ILE C 142 14.69 1.26 21.13
C ILE C 142 14.51 0.82 19.69
N SER C 143 13.28 0.49 19.30
CA SER C 143 13.05 -0.17 18.01
C SER C 143 12.76 0.78 16.86
N ALA C 144 12.24 1.96 17.20
CA ALA C 144 11.81 2.91 16.18
C ALA C 144 12.48 4.29 16.30
N TYR C 145 12.31 4.94 17.45
CA TYR C 145 12.87 6.29 17.62
C TYR C 145 14.39 6.28 17.41
N SER C 146 15.05 5.23 17.86
CA SER C 146 16.50 5.17 17.77
C SER C 146 17.02 5.17 16.34
N TYR C 147 16.17 4.83 15.36
CA TYR C 147 16.60 4.94 13.97
C TYR C 147 16.84 6.41 13.63
N ALA C 148 15.95 7.29 14.10
CA ALA C 148 16.16 8.74 13.99
C ALA C 148 17.35 9.21 14.80
N SER C 149 17.48 8.74 16.05
CA SER C 149 18.61 9.10 16.91
C SER C 149 19.95 8.79 16.27
N MET C 150 20.05 7.61 15.68
CA MET C 150 21.32 7.22 15.09
C MET C 150 21.61 8.04 13.85
N ALA C 151 20.58 8.29 13.04
CA ALA C 151 20.76 9.14 11.85
C ALA C 151 21.16 10.57 12.25
N LYS C 152 20.56 11.10 13.30
CA LYS C 152 20.92 12.43 13.77
C LYS C 152 22.41 12.50 14.16
N ALA C 153 22.88 11.46 14.85
CA ALA C 153 24.25 11.43 15.31
C ALA C 153 25.25 11.26 14.18
N LEU C 154 24.87 10.45 13.18
CA LEU C 154 25.85 9.98 12.21
C LEU C 154 25.83 10.69 10.85
N LEU C 155 24.69 11.24 10.47
CA LEU C 155 24.65 11.99 9.21
C LEU C 155 25.76 13.06 9.07
N PRO C 156 26.06 13.79 10.15
CA PRO C 156 27.14 14.79 10.06
C PRO C 156 28.51 14.21 9.74
N ILE C 157 28.69 12.90 9.87
CA ILE C 157 29.94 12.26 9.48
C ILE C 157 29.78 11.23 8.36
N MET C 158 28.77 11.39 7.51
CA MET C 158 28.61 10.51 6.36
C MET C 158 28.91 11.20 5.04
N ASN C 159 29.46 10.43 4.11
CA ASN C 159 29.78 10.93 2.78
C ASN C 159 28.56 10.90 1.88
N PRO C 160 28.48 11.83 0.92
CA PRO C 160 27.48 11.73 -0.14
C PRO C 160 27.55 10.37 -0.83
N GLY C 161 26.39 9.84 -1.20
CA GLY C 161 26.32 8.52 -1.81
C GLY C 161 26.18 7.45 -0.75
N GLY C 162 26.20 7.88 0.50
CA GLY C 162 26.10 6.96 1.62
C GLY C 162 24.73 6.36 1.81
N SER C 163 24.64 5.44 2.76
CA SER C 163 23.44 4.62 2.91
C SER C 163 23.20 4.23 4.35
N ILE C 164 22.00 4.54 4.86
CA ILE C 164 21.55 4.10 6.18
C ILE C 164 20.50 2.99 5.94
N VAL C 165 20.69 1.86 6.61
CA VAL C 165 19.76 0.74 6.46
C VAL C 165 19.31 0.26 7.82
N GLY C 166 18.01 0.04 7.99
CA GLY C 166 17.47 -0.52 9.23
C GLY C 166 16.73 -1.83 8.95
N MET C 167 16.52 -2.63 9.98
CA MET C 167 15.85 -3.92 9.80
C MET C 167 14.39 -3.84 10.21
N ASP C 168 13.52 -4.38 9.35
CA ASP C 168 12.06 -4.31 9.50
C ASP C 168 11.49 -5.73 9.47
N PHE C 169 10.25 -5.86 9.93
CA PHE C 169 9.47 -7.08 9.75
C PHE C 169 8.11 -6.56 9.35
N ASP C 170 7.66 -6.90 8.15
CA ASP C 170 6.47 -6.31 7.53
C ASP C 170 5.30 -6.25 8.52
N PRO C 171 4.90 -5.03 8.93
CA PRO C 171 3.84 -4.86 9.92
C PRO C 171 2.52 -4.38 9.31
N SER C 172 2.37 -4.49 7.99
CA SER C 172 1.19 -4.01 7.26
CA SER C 172 1.18 -3.96 7.33
C SER C 172 -0.10 -4.69 7.72
N ARG C 173 0.04 -5.88 8.28
CA ARG C 173 -1.10 -6.64 8.76
CA ARG C 173 -1.10 -6.64 8.76
C ARG C 173 -0.81 -7.14 10.17
N ALA C 174 -1.84 -7.26 10.99
CA ALA C 174 -1.64 -7.80 12.32
C ALA C 174 -1.44 -9.31 12.28
N MET C 175 -0.93 -9.87 13.36
CA MET C 175 -0.61 -11.28 13.37
C MET C 175 -0.48 -11.75 14.80
N PRO C 176 -0.55 -13.06 15.04
CA PRO C 176 -0.36 -13.53 16.41
C PRO C 176 1.05 -13.22 16.90
N ALA C 177 1.18 -13.01 18.19
CA ALA C 177 2.49 -13.03 18.87
C ALA C 177 3.37 -11.80 18.68
N TYR C 178 3.37 -11.21 17.49
CA TYR C 178 4.27 -10.08 17.28
C TYR C 178 3.75 -8.84 18.01
N ASN C 179 2.43 -8.80 18.20
CA ASN C 179 1.78 -7.82 19.09
C ASN C 179 2.34 -6.40 19.01
N TRP C 180 2.88 -5.89 20.11
CA TRP C 180 3.32 -4.49 20.12
C TRP C 180 4.60 -4.23 19.30
N MET C 181 5.39 -5.28 19.06
CA MET C 181 6.53 -5.10 18.17
C MET C 181 6.06 -4.74 16.76
N THR C 182 4.89 -5.27 16.36
CA THR C 182 4.32 -4.88 15.07
C THR C 182 4.08 -3.38 15.04
N VAL C 183 3.56 -2.85 16.15
CA VAL C 183 3.32 -1.41 16.24
C VAL C 183 4.64 -0.63 16.17
N ALA C 184 5.66 -1.12 16.84
CA ALA C 184 6.97 -0.48 16.79
C ALA C 184 7.53 -0.48 15.38
N LYS C 185 7.36 -1.59 14.65
CA LYS C 185 7.82 -1.64 13.27
C LYS C 185 7.02 -0.70 12.36
N SER C 186 5.72 -0.61 12.59
CA SER C 186 4.94 0.37 11.85
C SER C 186 5.47 1.79 12.06
N ALA C 187 5.81 2.11 13.31
CA ALA C 187 6.39 3.40 13.62
C ALA C 187 7.74 3.57 12.93
N LEU C 188 8.56 2.52 12.95
CA LEU C 188 9.87 2.54 12.31
C LEU C 188 9.78 2.85 10.81
N GLU C 189 8.81 2.25 10.13
CA GLU C 189 8.63 2.51 8.70
C GLU C 189 8.35 3.99 8.46
N SER C 190 7.55 4.58 9.34
CA SER C 190 7.25 5.99 9.23
C SER C 190 8.49 6.85 9.51
N VAL C 191 9.22 6.50 10.58
CA VAL C 191 10.48 7.17 10.91
C VAL C 191 11.45 7.15 9.73
N ASN C 192 11.55 6.00 9.07
CA ASN C 192 12.45 5.85 7.92
C ASN C 192 12.13 6.87 6.82
N ARG C 193 10.85 7.10 6.58
CA ARG C 193 10.49 8.04 5.52
C ARG C 193 10.91 9.47 5.87
N PHE C 194 10.87 9.82 7.15
CA PHE C 194 11.34 11.12 7.57
C PHE C 194 12.87 11.23 7.65
N VAL C 195 13.51 10.13 8.03
CA VAL C 195 14.96 10.12 8.03
C VAL C 195 15.47 10.30 6.60
N ALA C 196 14.75 9.74 5.63
CA ALA C 196 15.14 9.92 4.22
C ALA C 196 15.14 11.39 3.82
N ARG C 197 14.16 12.16 4.32
CA ARG C 197 14.14 13.60 4.04
C ARG C 197 15.39 14.30 4.56
N GLU C 198 15.76 13.98 5.81
CA GLU C 198 16.96 14.55 6.39
C GLU C 198 18.23 14.07 5.69
N ALA C 199 18.31 12.78 5.44
CA ALA C 199 19.50 12.18 4.85
C ALA C 199 19.75 12.71 3.44
N GLY C 200 18.68 13.05 2.73
CA GLY C 200 18.81 13.58 1.38
C GLY C 200 19.59 14.88 1.34
N LYS C 201 19.55 15.63 2.44
CA LYS C 201 20.30 16.88 2.55
C LYS C 201 21.80 16.64 2.50
N TYR C 202 22.19 15.40 2.76
CA TYR C 202 23.59 14.98 2.76
C TYR C 202 23.92 14.06 1.59
N GLY C 203 22.97 13.87 0.70
CA GLY C 203 23.17 12.96 -0.42
C GLY C 203 23.20 11.51 0.02
N VAL C 204 22.53 11.24 1.13
CA VAL C 204 22.53 9.91 1.74
C VAL C 204 21.15 9.27 1.62
N ARG C 205 21.10 7.97 1.35
CA ARG C 205 19.84 7.21 1.29
C ARG C 205 19.49 6.60 2.64
N SER C 206 18.19 6.40 2.89
CA SER C 206 17.72 5.69 4.09
C SER C 206 16.68 4.68 3.66
N ASN C 207 16.88 3.41 4.02
CA ASN C 207 15.91 2.39 3.65
C ASN C 207 15.85 1.30 4.70
N LEU C 208 14.77 0.53 4.69
CA LEU C 208 14.66 -0.63 5.56
C LEU C 208 14.68 -1.91 4.75
N VAL C 209 15.18 -2.97 5.35
CA VAL C 209 15.04 -4.30 4.79
C VAL C 209 14.07 -5.06 5.66
N ALA C 210 12.95 -5.45 5.05
CA ALA C 210 11.95 -6.25 5.73
C ALA C 210 12.31 -7.71 5.49
N ALA C 211 12.80 -8.37 6.51
CA ALA C 211 13.26 -9.74 6.40
C ALA C 211 12.18 -10.72 6.81
N GLY C 212 12.26 -11.93 6.24
CA GLY C 212 11.46 -13.01 6.77
C GLY C 212 12.06 -13.47 8.09
N PRO C 213 11.43 -14.47 8.71
CA PRO C 213 11.84 -14.96 10.04
C PRO C 213 13.19 -15.69 10.02
N ILE C 214 14.05 -15.37 10.99
CA ILE C 214 15.40 -15.93 11.08
C ILE C 214 15.64 -16.36 12.53
N ARG C 215 16.25 -17.52 12.72
CA ARG C 215 16.55 -18.00 14.08
C ARG C 215 17.67 -17.21 14.76
N THR C 216 17.29 -16.18 15.51
CA THR C 216 18.24 -15.34 16.23
C THR C 216 17.91 -15.38 17.71
N LEU C 217 18.74 -14.75 18.53
CA LEU C 217 18.49 -14.69 19.97
C LEU C 217 17.14 -14.02 20.27
N ALA C 218 16.85 -12.91 19.59
CA ALA C 218 15.56 -12.26 19.76
C ALA C 218 14.39 -13.18 19.43
N MET C 219 14.52 -13.97 18.36
CA MET C 219 13.45 -14.89 18.01
CA MET C 219 13.46 -14.91 17.99
C MET C 219 13.22 -15.90 19.13
N SER C 220 14.30 -16.43 19.68
CA SER C 220 14.22 -17.44 20.72
C SER C 220 13.81 -16.87 22.07
N ALA C 221 14.51 -15.84 22.52
CA ALA C 221 14.35 -15.33 23.88
C ALA C 221 13.17 -14.39 24.05
N ILE C 222 12.97 -13.50 23.09
CA ILE C 222 11.89 -12.53 23.18
C ILE C 222 10.60 -13.10 22.61
N VAL C 223 10.61 -13.47 21.33
CA VAL C 223 9.41 -14.02 20.70
C VAL C 223 9.05 -15.36 21.31
N GLY C 224 9.99 -16.31 21.23
CA GLY C 224 9.77 -17.65 21.76
C GLY C 224 9.45 -17.66 23.24
N GLY C 225 10.16 -16.82 23.99
CA GLY C 225 9.96 -16.70 25.42
C GLY C 225 8.54 -16.30 25.79
N ALA C 226 7.94 -15.42 24.98
CA ALA C 226 6.59 -14.93 25.27
C ALA C 226 5.49 -15.85 24.72
N LEU C 227 5.89 -16.87 23.98
CA LEU C 227 4.96 -17.84 23.43
C LEU C 227 4.65 -18.94 24.44
N GLY C 228 5.44 -19.01 25.51
CA GLY C 228 5.27 -20.00 26.54
C GLY C 228 5.34 -21.42 26.01
N GLU C 229 4.44 -22.28 26.48
CA GLU C 229 4.40 -23.67 26.06
C GLU C 229 4.03 -23.81 24.58
N ALA C 231 5.57 -22.59 21.85
CA ALA C 231 6.69 -21.88 21.22
C ALA C 231 7.33 -22.71 20.12
N GLY C 232 7.75 -23.93 20.46
CA GLY C 232 8.49 -24.78 19.55
C GLY C 232 7.83 -25.02 18.20
N ILE C 235 6.75 -21.78 16.20
CA ILE C 235 7.82 -21.22 15.39
C ILE C 235 8.11 -22.15 14.20
N GLN C 236 7.97 -23.45 14.43
CA GLN C 236 8.09 -24.43 13.36
C GLN C 236 7.01 -24.18 12.32
N LEU C 237 5.80 -23.90 12.77
CA LEU C 237 4.68 -23.60 11.89
C LEU C 237 4.88 -22.30 11.12
N LEU C 238 5.50 -21.33 11.80
CA LEU C 238 5.85 -20.06 11.18
C LEU C 238 6.81 -20.27 10.01
N GLU C 239 7.80 -21.13 10.23
CA GLU C 239 8.80 -21.42 9.21
C GLU C 239 8.17 -22.10 8.00
N GLU C 240 7.27 -23.05 8.28
CA GLU C 240 6.63 -23.85 7.24
C GLU C 240 5.69 -23.01 6.39
N GLY C 241 4.94 -22.13 7.04
CA GLY C 241 4.02 -21.27 6.34
C GLY C 241 4.73 -20.27 5.46
N TRP C 242 5.82 -19.70 5.98
CA TRP C 242 6.58 -18.69 5.26
C TRP C 242 7.24 -19.27 4.01
N ASP C 243 7.86 -20.43 4.19
CA ASP C 243 8.48 -21.13 3.08
C ASP C 243 7.46 -21.54 2.02
N GLN C 244 6.26 -21.86 2.46
CA GLN C 244 5.18 -22.25 1.55
C GLN C 244 4.70 -21.06 0.71
N ARG C 245 4.60 -19.88 1.33
CA ARG C 245 4.14 -18.69 0.62
C ARG C 245 5.23 -18.17 -0.30
N ALA C 246 6.48 -18.33 0.10
CA ALA C 246 7.60 -17.74 -0.64
C ALA C 246 7.83 -18.48 -1.96
N PRO C 247 7.65 -17.80 -3.10
CA PRO C 247 7.82 -18.55 -4.36
C PRO C 247 9.22 -19.15 -4.55
N ILE C 248 10.23 -18.58 -3.91
CA ILE C 248 11.57 -19.15 -4.03
C ILE C 248 11.99 -19.86 -2.74
N GLY C 249 11.05 -20.02 -1.83
CA GLY C 249 11.30 -20.69 -0.57
C GLY C 249 11.90 -19.78 0.46
N TRP C 250 11.99 -20.28 1.68
CA TRP C 250 12.55 -19.51 2.78
C TRP C 250 13.18 -20.43 3.80
N ASN C 251 14.43 -20.15 4.14
CA ASN C 251 15.12 -20.94 5.15
C ASN C 251 15.39 -20.10 6.40
N MET C 252 14.66 -20.37 7.47
CA MET C 252 14.80 -19.60 8.71
C MET C 252 16.19 -19.72 9.35
N LYS C 253 16.94 -20.74 8.96
CA LYS C 253 18.25 -20.94 9.57
C LYS C 253 19.35 -20.18 8.84
N ASP C 254 18.98 -19.46 7.79
CA ASP C 254 19.97 -18.86 6.89
C ASP C 254 19.82 -17.35 6.80
N ALA C 255 20.65 -16.62 7.54
CA ALA C 255 20.63 -15.16 7.52
C ALA C 255 21.32 -14.55 6.29
N THR C 256 22.12 -15.35 5.59
CA THR C 256 22.91 -14.81 4.48
C THR C 256 22.12 -14.04 3.39
N PRO C 257 20.96 -14.56 2.93
CA PRO C 257 20.23 -13.79 1.92
C PRO C 257 19.80 -12.40 2.40
N VAL C 258 19.49 -12.27 3.69
CA VAL C 258 19.13 -10.99 4.27
C VAL C 258 20.36 -10.08 4.33
N ALA C 259 21.48 -10.64 4.79
CA ALA C 259 22.74 -9.90 4.83
C ALA C 259 23.16 -9.41 3.47
N LYS C 260 22.98 -10.24 2.45
CA LYS C 260 23.31 -9.83 1.09
C LYS C 260 22.46 -8.65 0.64
N THR C 261 21.17 -8.66 0.99
CA THR C 261 20.27 -7.61 0.60
C THR C 261 20.67 -6.28 1.26
N VAL C 262 21.05 -6.36 2.54
CA VAL C 262 21.50 -5.16 3.23
C VAL C 262 22.75 -4.61 2.53
N CYS C 263 23.67 -5.49 2.16
CA CYS C 263 24.87 -5.06 1.46
C CYS C 263 24.55 -4.42 0.11
N ALA C 264 23.56 -4.96 -0.60
CA ALA C 264 23.08 -4.33 -1.83
C ALA C 264 22.68 -2.89 -1.59
N LEU C 265 21.93 -2.65 -0.51
CA LEU C 265 21.52 -1.28 -0.18
C LEU C 265 22.66 -0.38 0.26
N LEU C 266 23.69 -0.96 0.87
CA LEU C 266 24.87 -0.21 1.27
C LEU C 266 25.78 0.12 0.09
N SER C 267 25.62 -0.61 -1.00
CA SER C 267 26.43 -0.44 -2.19
C SER C 267 25.96 0.73 -3.04
N ASP C 268 26.66 0.93 -4.16
CA ASP C 268 26.29 1.98 -5.11
C ASP C 268 25.23 1.52 -6.11
N TRP C 269 24.70 0.31 -5.92
CA TRP C 269 23.86 -0.31 -6.95
C TRP C 269 22.36 -0.12 -6.79
N LEU C 270 21.96 0.55 -5.70
CA LEU C 270 20.57 0.99 -5.56
C LEU C 270 20.54 2.50 -5.28
N PRO C 271 21.06 3.30 -6.21
CA PRO C 271 21.36 4.70 -5.91
C PRO C 271 20.15 5.62 -5.97
N ALA C 272 19.02 5.11 -6.44
CA ALA C 272 17.82 5.93 -6.60
C ALA C 272 16.70 5.48 -5.69
N THR C 273 17.03 4.75 -4.64
CA THR C 273 16.04 4.19 -3.73
C THR C 273 16.24 4.79 -2.34
N THR C 274 15.21 5.44 -1.81
CA THR C 274 15.31 5.99 -0.45
C THR C 274 13.92 6.17 0.15
N GLY C 275 13.87 6.21 1.48
CA GLY C 275 12.61 6.24 2.20
C GLY C 275 11.80 4.96 2.05
N ASP C 276 12.46 3.88 1.63
CA ASP C 276 11.75 2.73 1.11
C ASP C 276 11.99 1.48 1.91
N ILE C 277 11.33 0.41 1.49
CA ILE C 277 11.44 -0.88 2.12
C ILE C 277 11.69 -1.92 1.05
N ILE C 278 12.77 -2.68 1.23
CA ILE C 278 13.12 -3.77 0.33
C ILE C 278 12.83 -5.06 1.09
N TYR C 279 12.10 -5.98 0.47
CA TYR C 279 11.64 -7.19 1.15
C TYR C 279 12.55 -8.35 0.82
N ALA C 280 13.25 -8.85 1.84
CA ALA C 280 14.11 -10.01 1.71
C ALA C 280 13.40 -11.11 2.48
N ASP C 281 12.31 -11.60 1.90
CA ASP C 281 11.43 -12.54 2.60
C ASP C 281 11.02 -13.69 1.70
N GLY C 282 11.78 -13.91 0.62
CA GLY C 282 11.49 -14.99 -0.30
C GLY C 282 10.30 -14.71 -1.20
N GLY C 283 9.78 -13.50 -1.14
CA GLY C 283 8.59 -13.09 -1.87
C GLY C 283 7.30 -13.39 -1.12
N ALA C 284 7.41 -13.81 0.12
CA ALA C 284 6.21 -14.21 0.87
C ALA C 284 5.13 -13.14 0.94
N HIS C 285 5.52 -11.88 1.10
CA HIS C 285 4.52 -10.83 1.25
C HIS C 285 3.74 -10.52 -0.03
N THR C 286 4.16 -11.10 -1.15
CA THR C 286 3.48 -10.87 -2.43
C THR C 286 2.45 -11.95 -2.75
N GLN C 287 2.30 -12.92 -1.85
CA GLN C 287 1.43 -14.07 -2.10
C GLN C 287 0.45 -14.24 -0.95
N LEU C 288 -0.81 -14.51 -1.28
CA LEU C 288 -1.82 -14.63 -0.22
C LEU C 288 -1.70 -16.00 0.40
N LEU C 289 -1.61 -17.01 -0.46
CA LEU C 289 -1.36 -18.38 -0.03
C LEU C 289 -0.59 -19.03 -1.17
N GLY D 23 -35.86 4.88 4.83
CA GLY D 23 -34.92 3.94 4.26
C GLY D 23 -33.62 4.61 3.86
N LEU D 24 -32.53 3.86 3.93
CA LEU D 24 -31.21 4.36 3.58
C LEU D 24 -31.13 4.95 2.17
N LEU D 25 -31.90 4.36 1.24
CA LEU D 25 -31.84 4.79 -0.15
C LEU D 25 -33.18 5.31 -0.65
N ASP D 26 -33.97 5.85 0.28
CA ASP D 26 -35.30 6.33 -0.03
C ASP D 26 -35.29 7.37 -1.14
N GLY D 27 -36.05 7.12 -2.20
CA GLY D 27 -36.17 8.07 -3.28
C GLY D 27 -35.04 8.04 -4.28
N LYS D 28 -34.09 7.14 -4.08
CA LYS D 28 -32.95 7.06 -4.99
C LYS D 28 -33.21 6.11 -6.16
N ARG D 29 -32.81 6.52 -7.36
CA ARG D 29 -32.98 5.70 -8.54
C ARG D 29 -31.64 5.06 -8.86
N ILE D 30 -31.61 3.73 -8.84
CA ILE D 30 -30.34 3.01 -8.91
C ILE D 30 -30.39 1.91 -9.96
N LEU D 31 -29.38 1.90 -10.84
CA LEU D 31 -29.25 0.81 -11.81
C LEU D 31 -28.38 -0.29 -11.20
N VAL D 32 -28.82 -1.53 -11.30
CA VAL D 32 -28.05 -2.66 -10.80
C VAL D 32 -27.84 -3.71 -11.90
N SER D 33 -26.60 -3.91 -12.27
CA SER D 33 -26.22 -4.93 -13.25
C SER D 33 -25.80 -6.21 -12.54
N GLY D 34 -25.79 -7.32 -13.26
CA GLY D 34 -25.09 -8.51 -12.80
C GLY D 34 -25.89 -9.62 -12.15
N ILE D 35 -27.21 -9.54 -12.16
CA ILE D 35 -28.01 -10.64 -11.66
C ILE D 35 -28.03 -11.78 -12.68
N ILE D 36 -27.64 -12.97 -12.24
CA ILE D 36 -27.81 -14.17 -13.09
C ILE D 36 -28.55 -15.27 -12.33
N THR D 37 -28.34 -15.38 -11.02
CA THR D 37 -29.14 -16.26 -10.17
C THR D 37 -29.46 -15.52 -8.88
N ASP D 38 -30.27 -16.14 -8.02
CA ASP D 38 -30.57 -15.50 -6.73
C ASP D 38 -29.41 -15.62 -5.75
N SER D 39 -28.32 -16.23 -6.19
CA SER D 39 -27.09 -16.27 -5.40
C SER D 39 -26.16 -15.12 -5.77
N SER D 40 -26.46 -14.47 -6.88
CA SER D 40 -25.62 -13.36 -7.38
C SER D 40 -25.48 -12.28 -6.33
N ILE D 41 -24.27 -11.74 -6.17
CA ILE D 41 -24.09 -10.61 -5.27
C ILE D 41 -25.06 -9.49 -5.65
N ALA D 42 -25.23 -9.28 -6.95
CA ALA D 42 -26.15 -8.26 -7.45
C ALA D 42 -27.60 -8.48 -7.02
N PHE D 43 -28.03 -9.74 -6.91
CA PHE D 43 -29.38 -10.02 -6.44
C PHE D 43 -29.57 -9.51 -5.02
N HIS D 44 -28.60 -9.80 -4.17
CA HIS D 44 -28.68 -9.35 -2.79
C HIS D 44 -28.55 -7.84 -2.68
N ILE D 45 -27.71 -7.23 -3.53
CA ILE D 45 -27.63 -5.78 -3.58
C ILE D 45 -28.99 -5.18 -3.94
N ALA D 46 -29.63 -5.76 -4.95
CA ALA D 46 -30.95 -5.32 -5.38
C ALA D 46 -31.99 -5.44 -4.26
N ARG D 47 -32.01 -6.60 -3.60
CA ARG D 47 -32.98 -6.87 -2.54
C ARG D 47 -32.82 -5.87 -1.41
N VAL D 48 -31.58 -5.68 -0.96
CA VAL D 48 -31.32 -4.77 0.15
C VAL D 48 -31.65 -3.33 -0.23
N ALA D 49 -31.27 -2.93 -1.44
CA ALA D 49 -31.57 -1.59 -1.91
C ALA D 49 -33.08 -1.34 -1.95
N GLN D 50 -33.85 -2.34 -2.40
CA GLN D 50 -35.30 -2.21 -2.43
C GLN D 50 -35.90 -2.13 -1.02
N GLU D 51 -35.39 -2.95 -0.12
CA GLU D 51 -35.79 -2.89 1.30
C GLU D 51 -35.54 -1.50 1.87
N GLN D 52 -34.56 -0.80 1.30
CA GLN D 52 -34.16 0.53 1.78
C GLN D 52 -34.75 1.69 0.98
N GLY D 53 -35.74 1.40 0.14
CA GLY D 53 -36.51 2.46 -0.50
C GLY D 53 -36.07 2.84 -1.90
N ALA D 54 -35.05 2.18 -2.42
CA ALA D 54 -34.57 2.52 -3.75
C ALA D 54 -35.52 2.03 -4.84
N GLN D 55 -35.58 2.78 -5.92
CA GLN D 55 -36.31 2.36 -7.11
C GLN D 55 -35.26 1.90 -8.11
N LEU D 56 -35.37 0.65 -8.56
CA LEU D 56 -34.30 0.06 -9.37
C LEU D 56 -34.61 -0.07 -10.84
N VAL D 57 -33.55 0.02 -11.63
CA VAL D 57 -33.56 -0.45 -13.00
C VAL D 57 -32.52 -1.55 -13.03
N LEU D 58 -32.90 -2.73 -13.51
CA LEU D 58 -31.96 -3.84 -13.53
C LEU D 58 -31.46 -4.06 -14.95
N THR D 59 -30.21 -4.48 -15.08
CA THR D 59 -29.72 -4.93 -16.37
C THR D 59 -29.23 -6.37 -16.28
N GLY D 60 -29.48 -7.14 -17.32
CA GLY D 60 -29.09 -8.52 -17.38
C GLY D 60 -28.40 -8.85 -18.70
N PHE D 61 -27.65 -9.94 -18.69
CA PHE D 61 -26.87 -10.33 -19.86
C PHE D 61 -27.32 -11.69 -20.39
N ASP D 62 -27.56 -11.74 -21.70
CA ASP D 62 -27.81 -12.98 -22.44
C ASP D 62 -29.20 -13.60 -22.19
N ARG D 63 -29.33 -14.31 -21.07
CA ARG D 63 -30.55 -15.07 -20.79
C ARG D 63 -31.60 -14.25 -20.04
N LEU D 64 -32.16 -13.26 -20.72
CA LEU D 64 -33.06 -12.30 -20.06
C LEU D 64 -34.38 -12.92 -19.60
N ARG D 65 -34.87 -13.93 -20.33
CA ARG D 65 -36.07 -14.62 -19.91
C ARG D 65 -35.84 -15.33 -18.57
N LEU D 66 -34.70 -16.01 -18.44
CA LEU D 66 -34.36 -16.72 -17.21
C LEU D 66 -34.07 -15.74 -16.07
N ILE D 67 -33.42 -14.64 -16.40
CA ILE D 67 -33.11 -13.61 -15.41
C ILE D 67 -34.39 -12.97 -14.86
N GLN D 68 -35.36 -12.77 -15.74
CA GLN D 68 -36.62 -12.15 -15.35
C GLN D 68 -37.35 -12.99 -14.31
N ARG D 69 -37.29 -14.31 -14.45
CA ARG D 69 -37.91 -15.19 -13.46
C ARG D 69 -37.23 -15.04 -12.10
N ILE D 70 -35.93 -14.80 -12.11
CA ILE D 70 -35.20 -14.56 -10.87
C ILE D 70 -35.55 -13.21 -10.26
N THR D 71 -35.56 -12.16 -11.10
CA THR D 71 -35.86 -10.82 -10.58
C THR D 71 -37.32 -10.69 -10.12
N ASP D 72 -38.19 -11.57 -10.61
CA ASP D 72 -39.57 -11.61 -10.15
C ASP D 72 -39.64 -11.95 -8.67
N ARG D 73 -38.57 -12.52 -8.14
CA ARG D 73 -38.51 -12.94 -6.75
C ARG D 73 -37.97 -11.84 -5.82
N LEU D 74 -37.59 -10.70 -6.40
CA LEU D 74 -37.20 -9.53 -5.63
C LEU D 74 -38.42 -8.92 -4.94
N PRO D 75 -38.20 -8.18 -3.85
CA PRO D 75 -39.27 -7.55 -3.06
C PRO D 75 -40.21 -6.66 -3.89
N ALA D 76 -39.70 -5.98 -4.90
CA ALA D 76 -40.48 -5.02 -5.66
C ALA D 76 -40.21 -5.15 -7.15
N LYS D 77 -41.17 -4.72 -7.96
CA LYS D 77 -41.02 -4.72 -9.41
C LYS D 77 -39.93 -3.77 -9.85
N ALA D 78 -39.20 -4.15 -10.90
CA ALA D 78 -38.20 -3.28 -11.49
C ALA D 78 -38.06 -3.62 -12.97
N PRO D 79 -37.95 -2.57 -13.80
CA PRO D 79 -37.68 -2.77 -15.23
C PRO D 79 -36.39 -3.55 -15.41
N LEU D 80 -36.40 -4.50 -16.34
CA LEU D 80 -35.18 -5.23 -16.67
C LEU D 80 -34.75 -4.88 -18.09
N LEU D 81 -33.52 -4.39 -18.23
CA LEU D 81 -32.97 -3.99 -19.52
C LEU D 81 -31.84 -4.93 -19.90
N GLU D 82 -31.69 -5.21 -21.18
CA GLU D 82 -30.58 -6.03 -21.62
C GLU D 82 -29.30 -5.21 -21.74
N LEU D 83 -28.19 -5.73 -21.20
CA LEU D 83 -26.90 -5.07 -21.34
C LEU D 83 -25.77 -6.08 -21.38
N ASP D 84 -25.24 -6.30 -22.57
CA ASP D 84 -24.00 -7.03 -22.77
C ASP D 84 -22.91 -5.96 -22.89
N VAL D 85 -21.99 -5.93 -21.93
CA VAL D 85 -20.98 -4.86 -21.90
C VAL D 85 -19.96 -4.91 -23.03
N GLN D 86 -19.97 -5.97 -23.82
CA GLN D 86 -19.11 -6.04 -25.00
C GLN D 86 -19.85 -5.55 -26.25
N ASN D 87 -21.13 -5.27 -26.09
CA ASN D 87 -21.95 -4.83 -27.20
C ASN D 87 -22.03 -3.31 -27.22
N GLU D 88 -21.36 -2.70 -28.21
CA GLU D 88 -21.29 -1.25 -28.32
C GLU D 88 -22.66 -0.57 -28.46
N GLU D 89 -23.62 -1.25 -29.11
CA GLU D 89 -24.94 -0.67 -29.28
CA GLU D 89 -24.96 -0.69 -29.29
C GLU D 89 -25.71 -0.64 -27.96
N HIS D 90 -25.60 -1.74 -27.19
CA HIS D 90 -26.23 -1.78 -25.87
C HIS D 90 -25.76 -0.61 -25.03
N LEU D 91 -24.47 -0.31 -25.08
CA LEU D 91 -23.90 0.75 -24.26
C LEU D 91 -24.35 2.12 -24.77
N ALA D 92 -24.36 2.26 -26.10
CA ALA D 92 -24.75 3.51 -26.73
C ALA D 92 -26.21 3.87 -26.44
N SER D 93 -27.06 2.85 -26.36
CA SER D 93 -28.49 3.07 -26.17
C SER D 93 -28.91 3.07 -24.70
N LEU D 94 -27.99 2.71 -23.82
CA LEU D 94 -28.33 2.45 -22.43
C LEU D 94 -28.98 3.64 -21.72
N ALA D 95 -28.35 4.81 -21.83
CA ALA D 95 -28.86 6.00 -21.17
C ALA D 95 -30.29 6.30 -21.61
N GLY D 96 -30.55 6.18 -22.91
CA GLY D 96 -31.87 6.45 -23.44
C GLY D 96 -32.91 5.46 -22.93
N ARG D 97 -32.53 4.19 -22.87
CA ARG D 97 -33.43 3.15 -22.38
C ARG D 97 -33.70 3.29 -20.89
N VAL D 98 -32.68 3.71 -20.14
CA VAL D 98 -32.85 3.97 -18.70
C VAL D 98 -33.80 5.15 -18.48
N THR D 99 -33.58 6.24 -19.22
CA THR D 99 -34.42 7.43 -19.12
C THR D 99 -35.88 7.11 -19.44
N GLU D 100 -36.10 6.26 -20.44
CA GLU D 100 -37.44 5.82 -20.79
C GLU D 100 -38.07 5.06 -19.63
N ALA D 101 -37.24 4.30 -18.90
CA ALA D 101 -37.75 3.50 -17.78
C ALA D 101 -38.06 4.33 -16.54
N ILE D 102 -37.25 5.35 -16.28
CA ILE D 102 -37.43 6.18 -15.07
C ILE D 102 -38.18 7.48 -15.35
N GLY D 103 -38.45 7.76 -16.62
CA GLY D 103 -39.19 8.95 -17.00
C GLY D 103 -38.27 10.12 -17.32
N ALA D 104 -38.62 10.84 -18.39
CA ALA D 104 -37.84 12.00 -18.81
C ALA D 104 -37.79 13.03 -17.69
N GLY D 105 -36.64 13.69 -17.55
CA GLY D 105 -36.47 14.68 -16.50
C GLY D 105 -35.97 14.08 -15.20
N ASN D 106 -35.97 12.76 -15.12
CA ASN D 106 -35.40 12.06 -13.97
C ASN D 106 -34.05 11.46 -14.31
N LYS D 107 -33.17 11.42 -13.32
CA LYS D 107 -31.83 10.85 -13.51
C LYS D 107 -31.53 9.78 -12.46
N LEU D 108 -30.41 9.07 -12.67
CA LEU D 108 -29.98 8.06 -11.71
C LEU D 108 -29.20 8.68 -10.57
N ASP D 109 -29.31 8.06 -9.40
CA ASP D 109 -28.47 8.42 -8.27
C ASP D 109 -27.40 7.39 -8.01
N GLY D 110 -27.56 6.20 -8.57
CA GLY D 110 -26.60 5.14 -8.31
C GLY D 110 -26.49 4.18 -9.47
N VAL D 111 -25.31 3.59 -9.61
CA VAL D 111 -25.04 2.58 -10.63
C VAL D 111 -24.20 1.49 -9.97
N VAL D 112 -24.60 0.23 -10.14
CA VAL D 112 -23.82 -0.90 -9.62
C VAL D 112 -23.33 -1.80 -10.74
N HIS D 113 -22.01 -1.92 -10.82
CA HIS D 113 -21.34 -2.83 -11.74
C HIS D 113 -21.01 -4.09 -10.93
N SER D 114 -21.71 -5.18 -11.23
CA SER D 114 -21.45 -6.43 -10.54
C SER D 114 -21.30 -7.49 -11.61
N ILE D 115 -20.26 -7.31 -12.42
CA ILE D 115 -20.09 -8.06 -13.65
C ILE D 115 -18.65 -8.55 -13.72
N GLY D 116 -18.46 -9.80 -14.14
CA GLY D 116 -17.12 -10.33 -14.33
C GLY D 116 -17.18 -11.55 -15.21
N PHE D 117 -16.06 -11.85 -15.86
CA PHE D 117 -15.92 -13.07 -16.61
C PHE D 117 -14.45 -13.30 -16.91
N MET D 118 -14.06 -14.56 -16.98
CA MET D 118 -12.74 -14.95 -17.46
C MET D 118 -12.90 -16.34 -18.03
N PRO D 119 -12.40 -16.56 -19.26
CA PRO D 119 -12.46 -17.90 -19.83
C PRO D 119 -11.72 -18.91 -18.96
N GLN D 120 -12.11 -20.17 -19.06
CA GLN D 120 -11.57 -21.22 -18.20
C GLN D 120 -10.05 -21.33 -18.27
N THR D 121 -9.49 -21.06 -19.45
CA THR D 121 -8.04 -21.12 -19.63
C THR D 121 -7.30 -20.15 -18.72
N GLY D 122 -7.99 -19.09 -18.27
CA GLY D 122 -7.38 -18.10 -17.41
C GLY D 122 -7.58 -18.32 -15.92
N MET D 123 -8.16 -19.48 -15.57
CA MET D 123 -8.55 -19.77 -14.18
C MET D 123 -8.14 -21.16 -13.68
N GLY D 124 -8.17 -21.32 -12.37
CA GLY D 124 -8.08 -22.63 -11.75
C GLY D 124 -6.74 -23.33 -11.88
N ILE D 125 -6.77 -24.61 -12.23
CA ILE D 125 -5.55 -25.38 -12.35
C ILE D 125 -4.98 -25.32 -13.77
N ASN D 126 -5.65 -24.60 -14.66
CA ASN D 126 -5.11 -24.40 -15.99
C ASN D 126 -3.87 -23.54 -15.87
N PRO D 127 -2.77 -23.95 -16.54
CA PRO D 127 -1.50 -23.25 -16.35
C PRO D 127 -1.60 -21.77 -16.71
N PHE D 128 -1.10 -20.93 -15.82
CA PHE D 128 -1.11 -19.48 -16.01
C PHE D 128 -0.55 -19.08 -17.38
N PHE D 129 0.54 -19.72 -17.80
CA PHE D 129 1.19 -19.40 -19.06
C PHE D 129 0.44 -19.85 -20.30
N ASP D 130 -0.57 -20.72 -20.13
CA ASP D 130 -1.25 -21.29 -21.29
C ASP D 130 -2.51 -20.53 -21.72
N ALA D 131 -2.87 -19.49 -20.99
CA ALA D 131 -4.05 -18.71 -21.36
C ALA D 131 -3.69 -17.83 -22.53
N PRO D 132 -4.35 -18.03 -23.68
CA PRO D 132 -4.06 -17.20 -24.86
C PRO D 132 -4.48 -15.77 -24.59
N TYR D 133 -3.81 -14.80 -25.19
CA TYR D 133 -4.19 -13.42 -24.95
C TYR D 133 -5.65 -13.12 -25.34
N ALA D 134 -6.16 -13.75 -26.39
CA ALA D 134 -7.55 -13.54 -26.78
C ALA D 134 -8.52 -13.81 -25.62
N ASP D 135 -8.22 -14.84 -24.83
CA ASP D 135 -9.05 -15.19 -23.67
C ASP D 135 -8.88 -14.20 -22.53
N VAL D 136 -7.63 -13.87 -22.21
CA VAL D 136 -7.33 -12.85 -21.21
C VAL D 136 -8.00 -11.53 -21.58
N SER D 137 -7.89 -11.15 -22.84
CA SER D 137 -8.45 -9.88 -23.29
C SER D 137 -9.96 -9.83 -23.12
N LYS D 138 -10.64 -10.93 -23.41
CA LYS D 138 -12.08 -10.98 -23.24
C LYS D 138 -12.43 -10.75 -21.77
N GLY D 139 -11.68 -11.43 -20.90
CA GLY D 139 -11.89 -11.30 -19.48
C GLY D 139 -11.66 -9.89 -18.98
N ILE D 140 -10.61 -9.24 -19.46
CA ILE D 140 -10.30 -7.89 -19.03
C ILE D 140 -11.33 -6.91 -19.59
N HIS D 141 -11.81 -7.18 -20.81
CA HIS D 141 -12.86 -6.35 -21.40
C HIS D 141 -14.10 -6.35 -20.49
N ILE D 142 -14.58 -7.55 -20.16
CA ILE D 142 -15.81 -7.68 -19.41
C ILE D 142 -15.63 -7.27 -17.94
N SER D 143 -14.48 -7.62 -17.37
CA SER D 143 -14.30 -7.45 -15.93
C SER D 143 -13.73 -6.11 -15.51
N ALA D 144 -13.02 -5.43 -16.42
CA ALA D 144 -12.35 -4.19 -16.03
C ALA D 144 -12.73 -3.00 -16.93
N TYR D 145 -12.52 -3.13 -18.23
CA TYR D 145 -12.81 -2.03 -19.14
C TYR D 145 -14.27 -1.60 -19.05
N SER D 146 -15.16 -2.57 -18.85
CA SER D 146 -16.60 -2.32 -18.86
C SER D 146 -17.04 -1.42 -17.71
N TYR D 147 -16.23 -1.33 -16.66
CA TYR D 147 -16.52 -0.41 -15.58
C TYR D 147 -16.44 1.03 -16.11
N ALA D 148 -15.42 1.31 -16.93
CA ALA D 148 -15.32 2.60 -17.60
C ALA D 148 -16.46 2.79 -18.63
N SER D 149 -16.77 1.75 -19.41
CA SER D 149 -17.85 1.82 -20.38
C SER D 149 -19.18 2.20 -19.77
N MET D 150 -19.49 1.61 -18.61
CA MET D 150 -20.77 1.84 -17.97
C MET D 150 -20.83 3.25 -17.41
N ALA D 151 -19.71 3.71 -16.85
CA ALA D 151 -19.61 5.08 -16.37
C ALA D 151 -19.75 6.08 -17.53
N LYS D 152 -19.08 5.82 -18.64
CA LYS D 152 -19.24 6.67 -19.81
C LYS D 152 -20.70 6.77 -20.26
N ALA D 153 -21.38 5.64 -20.27
CA ALA D 153 -22.75 5.58 -20.75
C ALA D 153 -23.73 6.28 -19.80
N LEU D 154 -23.45 6.19 -18.50
CA LEU D 154 -24.45 6.56 -17.50
C LEU D 154 -24.22 7.88 -16.77
N LEU D 155 -22.97 8.35 -16.70
CA LEU D 155 -22.72 9.65 -16.08
C LEU D 155 -23.57 10.82 -16.64
N PRO D 156 -23.81 10.85 -17.98
CA PRO D 156 -24.66 11.93 -18.51
C PRO D 156 -26.09 11.94 -17.97
N ILE D 157 -26.54 10.84 -17.36
CA ILE D 157 -27.86 10.82 -16.74
C ILE D 157 -27.79 10.53 -15.23
N MET D 158 -26.72 10.97 -14.60
CA MET D 158 -26.60 10.86 -13.14
C MET D 158 -26.66 12.21 -12.44
N ASN D 159 -27.31 12.22 -11.28
CA ASN D 159 -27.40 13.43 -10.45
C ASN D 159 -26.13 13.67 -9.64
N PRO D 160 -25.82 14.94 -9.36
CA PRO D 160 -24.75 15.26 -8.42
C PRO D 160 -25.04 14.60 -7.08
N GLY D 161 -24.00 14.10 -6.41
CA GLY D 161 -24.15 13.35 -5.19
C GLY D 161 -24.31 11.87 -5.46
N GLY D 162 -24.35 11.52 -6.74
CA GLY D 162 -24.53 10.14 -7.16
C GLY D 162 -23.33 9.24 -6.88
N SER D 163 -23.51 7.95 -7.09
CA SER D 163 -22.50 6.98 -6.70
C SER D 163 -22.45 5.79 -7.68
N ILE D 164 -21.25 5.46 -8.15
CA ILE D 164 -21.04 4.29 -8.98
C ILE D 164 -20.21 3.32 -8.15
N VAL D 165 -20.67 2.06 -8.04
CA VAL D 165 -19.96 1.07 -7.24
C VAL D 165 -19.69 -0.18 -8.08
N GLY D 166 -18.46 -0.67 -8.05
CA GLY D 166 -18.11 -1.91 -8.72
C GLY D 166 -17.65 -2.96 -7.72
N MET D 167 -17.64 -4.23 -8.13
CA MET D 167 -17.24 -5.31 -7.23
C MET D 167 -15.81 -5.77 -7.51
N ASP D 168 -15.04 -5.94 -6.45
CA ASP D 168 -13.61 -6.23 -6.54
C ASP D 168 -13.32 -7.46 -5.67
N PHE D 169 -12.18 -8.09 -5.90
CA PHE D 169 -11.66 -9.11 -5.00
C PHE D 169 -10.19 -8.77 -4.88
N ASP D 170 -9.73 -8.50 -3.65
CA ASP D 170 -8.40 -7.95 -3.41
C ASP D 170 -7.30 -8.67 -4.20
N PRO D 171 -6.69 -8.00 -5.18
CA PRO D 171 -5.70 -8.62 -6.05
C PRO D 171 -4.27 -8.19 -5.72
N SER D 172 -4.07 -7.60 -4.53
CA SER D 172 -2.76 -7.04 -4.15
CA SER D 172 -2.76 -7.04 -4.19
C SER D 172 -1.68 -8.11 -4.04
N ARG D 173 -2.10 -9.36 -3.84
CA ARG D 173 -1.18 -10.48 -3.74
CA ARG D 173 -1.17 -10.47 -3.74
C ARG D 173 -1.66 -11.59 -4.65
N ALA D 174 -0.73 -12.36 -5.19
CA ALA D 174 -1.12 -13.48 -6.04
C ALA D 174 -1.65 -14.61 -5.18
N MET D 175 -2.34 -15.55 -5.82
CA MET D 175 -2.97 -16.63 -5.08
C MET D 175 -3.28 -17.78 -6.02
N PRO D 176 -3.48 -18.98 -5.48
CA PRO D 176 -3.88 -20.09 -6.35
C PRO D 176 -5.22 -19.82 -7.04
N ALA D 177 -5.38 -20.35 -8.26
CA ALA D 177 -6.69 -20.47 -8.92
C ALA D 177 -7.25 -19.18 -9.54
N TYR D 178 -7.09 -18.05 -8.87
CA TYR D 178 -7.72 -16.82 -9.34
C TYR D 178 -6.99 -16.32 -10.59
N ASN D 179 -5.72 -16.68 -10.70
CA ASN D 179 -4.93 -16.48 -11.93
C ASN D 179 -5.19 -15.17 -12.68
N TRP D 180 -5.64 -15.28 -13.92
CA TRP D 180 -5.80 -14.07 -14.73
C TRP D 180 -6.95 -13.18 -14.28
N MET D 181 -7.91 -13.72 -13.52
CA MET D 181 -8.93 -12.85 -12.94
C MET D 181 -8.30 -11.88 -11.94
N THR D 182 -7.25 -12.30 -11.24
CA THR D 182 -6.53 -11.40 -10.35
C THR D 182 -5.97 -10.21 -11.12
N VAL D 183 -5.42 -10.51 -12.30
CA VAL D 183 -4.87 -9.48 -13.16
C VAL D 183 -5.99 -8.54 -13.62
N ALA D 184 -7.14 -9.12 -13.97
CA ALA D 184 -8.28 -8.31 -14.36
C ALA D 184 -8.75 -7.41 -13.21
N LYS D 185 -8.76 -7.93 -11.99
CA LYS D 185 -9.13 -7.07 -10.85
C LYS D 185 -8.11 -5.99 -10.57
N SER D 186 -6.82 -6.28 -10.75
CA SER D 186 -5.81 -5.24 -10.58
C SER D 186 -6.05 -4.13 -11.58
N ALA D 187 -6.38 -4.51 -12.81
CA ALA D 187 -6.73 -3.54 -13.84
C ALA D 187 -7.98 -2.75 -13.43
N LEU D 188 -9.00 -3.44 -12.94
CA LEU D 188 -10.25 -2.78 -12.49
C LEU D 188 -9.99 -1.72 -11.41
N GLU D 189 -9.13 -2.03 -10.44
CA GLU D 189 -8.79 -1.04 -9.41
C GLU D 189 -8.21 0.24 -10.01
N SER D 190 -7.34 0.08 -11.00
CA SER D 190 -6.73 1.21 -11.67
C SER D 190 -7.80 1.98 -12.48
N VAL D 191 -8.65 1.24 -13.18
CA VAL D 191 -9.75 1.84 -13.92
C VAL D 191 -10.64 2.68 -13.00
N ASN D 192 -10.97 2.13 -11.84
CA ASN D 192 -11.80 2.85 -10.86
C ASN D 192 -11.20 4.20 -10.49
N ARG D 193 -9.88 4.25 -10.34
CA ARG D 193 -9.25 5.52 -9.96
C ARG D 193 -9.40 6.57 -11.06
N PHE D 194 -9.40 6.11 -12.31
CA PHE D 194 -9.60 7.05 -13.41
C PHE D 194 -11.06 7.39 -13.64
N VAL D 195 -11.95 6.43 -13.42
CA VAL D 195 -13.36 6.72 -13.53
C VAL D 195 -13.73 7.79 -12.49
N ALA D 196 -13.10 7.74 -11.32
CA ALA D 196 -13.37 8.74 -10.28
C ALA D 196 -13.06 10.16 -10.76
N ARG D 197 -11.98 10.31 -11.54
CA ARG D 197 -11.62 11.63 -12.07
C ARG D 197 -12.69 12.15 -13.02
N GLU D 198 -13.24 11.27 -13.86
CA GLU D 198 -14.31 11.67 -14.75
C GLU D 198 -15.61 11.92 -13.99
N ALA D 199 -15.93 11.01 -13.08
CA ALA D 199 -17.18 11.09 -12.34
C ALA D 199 -17.25 12.35 -11.47
N GLY D 200 -16.11 12.78 -10.98
CA GLY D 200 -16.06 13.96 -10.12
C GLY D 200 -16.54 15.21 -10.84
N LYS D 201 -16.36 15.25 -12.16
CA LYS D 201 -16.86 16.36 -12.97
C LYS D 201 -18.39 16.48 -12.89
N TYR D 202 -19.04 15.39 -12.52
CA TYR D 202 -20.49 15.32 -12.43
C TYR D 202 -20.96 15.35 -10.98
N GLY D 203 -20.02 15.53 -10.06
CA GLY D 203 -20.33 15.43 -8.65
C GLY D 203 -20.65 14.01 -8.20
N VAL D 204 -20.09 13.05 -8.90
CA VAL D 204 -20.42 11.65 -8.69
C VAL D 204 -19.20 10.89 -8.17
N ARG D 205 -19.43 9.99 -7.21
CA ARG D 205 -18.36 9.17 -6.65
C ARG D 205 -18.20 7.85 -7.40
N SER D 206 -17.00 7.30 -7.38
CA SER D 206 -16.74 5.97 -7.95
C SER D 206 -15.90 5.16 -6.97
N ASN D 207 -16.41 4.00 -6.56
CA ASN D 207 -15.67 3.16 -5.64
C ASN D 207 -15.86 1.68 -5.91
N LEU D 208 -14.95 0.86 -5.41
CA LEU D 208 -15.14 -0.58 -5.47
C LEU D 208 -15.39 -1.14 -4.08
N VAL D 209 -16.15 -2.23 -4.02
CA VAL D 209 -16.23 -3.01 -2.80
C VAL D 209 -15.47 -4.30 -3.00
N ALA D 210 -14.44 -4.50 -2.20
CA ALA D 210 -13.66 -5.73 -2.27
C ALA D 210 -14.28 -6.72 -1.31
N ALA D 211 -15.00 -7.69 -1.86
CA ALA D 211 -15.75 -8.63 -1.05
C ALA D 211 -14.90 -9.86 -0.76
N GLY D 212 -15.12 -10.48 0.39
CA GLY D 212 -14.58 -11.80 0.62
C GLY D 212 -15.34 -12.81 -0.22
N PRO D 213 -14.98 -14.09 -0.13
CA PRO D 213 -15.56 -15.15 -0.97
C PRO D 213 -17.03 -15.40 -0.66
N ILE D 214 -17.86 -15.49 -1.71
CA ILE D 214 -19.28 -15.74 -1.58
C ILE D 214 -19.66 -16.85 -2.54
N ARG D 215 -20.52 -17.77 -2.09
CA ARG D 215 -20.98 -18.87 -2.94
C ARG D 215 -21.96 -18.39 -4.02
N THR D 216 -21.43 -18.09 -5.19
CA THR D 216 -22.24 -17.63 -6.32
C THR D 216 -21.99 -18.55 -7.52
N LEU D 217 -22.74 -18.33 -8.60
CA LEU D 217 -22.56 -19.12 -9.81
C LEU D 217 -21.14 -18.99 -10.36
N ALA D 218 -20.63 -17.76 -10.39
CA ALA D 218 -19.27 -17.54 -10.86
C ALA D 218 -18.28 -18.34 -10.02
N MET D 219 -18.49 -18.32 -8.70
CA MET D 219 -17.63 -19.07 -7.80
C MET D 219 -17.68 -20.57 -8.11
N SER D 220 -18.88 -21.05 -8.41
CA SER D 220 -19.09 -22.47 -8.66
C SER D 220 -18.69 -22.88 -10.07
N ALA D 221 -19.25 -22.20 -11.06
CA ALA D 221 -19.10 -22.61 -12.45
C ALA D 221 -17.77 -22.17 -13.06
N ILE D 222 -17.33 -20.97 -12.72
CA ILE D 222 -16.09 -20.45 -13.27
C ILE D 222 -14.87 -20.87 -12.46
N VAL D 223 -14.84 -20.47 -11.18
CA VAL D 223 -13.70 -20.77 -10.32
C VAL D 223 -13.63 -22.27 -10.00
N GLY D 224 -14.73 -22.82 -9.48
CA GLY D 224 -14.79 -24.21 -9.12
C GLY D 224 -14.67 -25.13 -10.31
N GLY D 225 -15.30 -24.73 -11.42
CA GLY D 225 -15.21 -25.47 -12.66
C GLY D 225 -13.78 -25.57 -13.17
N ALA D 226 -13.00 -24.51 -12.92
CA ALA D 226 -11.62 -24.48 -13.40
C ALA D 226 -10.65 -25.20 -12.46
N LEU D 227 -11.10 -25.49 -11.24
CA LEU D 227 -10.27 -26.18 -10.26
C LEU D 227 -10.42 -27.70 -10.35
C GLU D 240 -10.69 -20.72 6.69
N GLY D 241 -9.67 -20.48 5.88
CA GLY D 241 -8.65 -19.51 6.20
C GLY D 241 -9.22 -18.10 6.29
N TRP D 242 -10.24 -17.82 5.49
CA TRP D 242 -10.84 -16.50 5.45
C TRP D 242 -11.55 -16.21 6.77
N ASP D 243 -12.37 -17.16 7.21
CA ASP D 243 -13.11 -17.02 8.46
C ASP D 243 -12.13 -16.94 9.61
N GLN D 244 -11.04 -17.71 9.51
CA GLN D 244 -10.00 -17.69 10.53
C GLN D 244 -9.36 -16.30 10.65
N ARG D 245 -8.93 -15.75 9.51
CA ARG D 245 -8.25 -14.45 9.51
C ARG D 245 -9.14 -13.28 9.89
N ALA D 246 -10.40 -13.34 9.49
CA ALA D 246 -11.34 -12.25 9.71
C ALA D 246 -11.62 -12.12 11.19
N PRO D 247 -11.29 -10.98 11.81
CA PRO D 247 -11.53 -10.87 13.25
C PRO D 247 -13.00 -10.99 13.64
N ILE D 248 -13.90 -10.65 12.73
CA ILE D 248 -15.32 -10.79 13.01
C ILE D 248 -15.93 -11.97 12.27
N GLY D 249 -15.07 -12.81 11.70
CA GLY D 249 -15.50 -14.01 11.04
C GLY D 249 -15.99 -13.74 9.63
N TRP D 250 -16.22 -14.81 8.89
CA TRP D 250 -16.69 -14.68 7.52
C TRP D 250 -17.58 -15.85 7.14
N ASN D 251 -18.74 -15.53 6.61
CA ASN D 251 -19.67 -16.56 6.15
C ASN D 251 -19.85 -16.50 4.64
N MET D 252 -19.24 -17.44 3.92
CA MET D 252 -19.29 -17.49 2.46
C MET D 252 -20.70 -17.69 1.91
N LYS D 253 -21.60 -18.16 2.77
CA LYS D 253 -22.96 -18.42 2.31
C LYS D 253 -23.88 -17.20 2.51
N ASP D 254 -23.30 -16.09 2.95
CA ASP D 254 -24.09 -14.91 3.28
C ASP D 254 -23.62 -13.66 2.53
N ALA D 255 -24.32 -13.32 1.45
CA ALA D 255 -23.95 -12.15 0.64
C ALA D 255 -24.47 -10.83 1.21
N THR D 256 -25.36 -10.93 2.21
CA THR D 256 -25.96 -9.75 2.79
C THR D 256 -24.98 -8.69 3.33
N PRO D 257 -23.92 -9.08 4.07
CA PRO D 257 -23.03 -8.03 4.54
C PRO D 257 -22.35 -7.27 3.39
N VAL D 258 -22.08 -7.97 2.29
CA VAL D 258 -21.52 -7.33 1.11
C VAL D 258 -22.55 -6.39 0.47
N ALA D 259 -23.78 -6.88 0.34
CA ALA D 259 -24.87 -6.05 -0.19
C ALA D 259 -25.07 -4.79 0.64
N LYS D 260 -25.04 -4.93 1.95
CA LYS D 260 -25.16 -3.77 2.83
C LYS D 260 -24.06 -2.73 2.59
N THR D 261 -22.85 -3.21 2.38
CA THR D 261 -21.69 -2.35 2.17
C THR D 261 -21.85 -1.56 0.87
N VAL D 262 -22.32 -2.22 -0.17
CA VAL D 262 -22.60 -1.54 -1.43
C VAL D 262 -23.65 -0.45 -1.23
N CYS D 263 -24.70 -0.78 -0.48
CA CYS D 263 -25.74 0.19 -0.22
C CYS D 263 -25.20 1.39 0.57
N ALA D 264 -24.25 1.14 1.47
CA ALA D 264 -23.60 2.24 2.19
C ALA D 264 -22.94 3.22 1.24
N LEU D 265 -22.22 2.69 0.24
CA LEU D 265 -21.59 3.53 -0.77
C LEU D 265 -22.58 4.24 -1.68
N LEU D 266 -23.72 3.59 -1.92
CA LEU D 266 -24.75 4.19 -2.76
C LEU D 266 -25.49 5.30 -2.02
N SER D 267 -25.40 5.28 -0.69
CA SER D 267 -26.08 6.25 0.16
C SER D 267 -25.34 7.58 0.23
N ASP D 268 -25.88 8.50 1.01
CA ASP D 268 -25.28 9.82 1.22
C ASP D 268 -24.25 9.79 2.34
N TRP D 269 -23.95 8.61 2.86
CA TRP D 269 -23.19 8.49 4.10
C TRP D 269 -21.70 8.25 3.96
N LEU D 270 -21.22 8.10 2.73
CA LEU D 270 -19.77 8.10 2.47
C LEU D 270 -19.45 9.16 1.42
N PRO D 271 -19.74 10.43 1.72
CA PRO D 271 -19.77 11.46 0.67
C PRO D 271 -18.39 11.98 0.28
N ALA D 272 -17.36 11.57 0.99
CA ALA D 272 -16.03 12.10 0.73
C ALA D 272 -15.06 11.00 0.31
N THR D 273 -15.62 9.89 -0.16
CA THR D 273 -14.81 8.74 -0.54
C THR D 273 -15.00 8.48 -2.02
N THR D 274 -13.92 8.48 -2.77
CA THR D 274 -14.00 8.21 -4.21
C THR D 274 -12.66 7.71 -4.74
N GLY D 275 -12.71 7.00 -5.86
CA GLY D 275 -11.52 6.37 -6.40
C GLY D 275 -10.99 5.26 -5.53
N ASP D 276 -11.83 4.78 -4.61
CA ASP D 276 -11.33 4.00 -3.50
C ASP D 276 -11.89 2.60 -3.46
N ILE D 277 -11.43 1.86 -2.46
CA ILE D 277 -11.82 0.47 -2.27
C ILE D 277 -12.24 0.27 -0.83
N ILE D 278 -13.48 -0.20 -0.65
CA ILE D 278 -13.95 -0.55 0.69
C ILE D 278 -13.98 -2.07 0.80
N TYR D 279 -13.35 -2.59 1.85
CA TYR D 279 -13.22 -4.02 2.03
C TYR D 279 -14.33 -4.58 2.91
N ALA D 280 -15.19 -5.38 2.29
CA ALA D 280 -16.23 -6.08 2.99
C ALA D 280 -15.85 -7.56 3.02
N ASP D 281 -14.89 -7.88 3.88
CA ASP D 281 -14.21 -9.17 3.86
C ASP D 281 -13.98 -9.69 5.27
N GLY D 282 -14.70 -9.12 6.23
CA GLY D 282 -14.60 -9.53 7.62
C GLY D 282 -13.30 -9.06 8.26
N GLY D 283 -12.57 -8.19 7.57
CA GLY D 283 -11.27 -7.73 8.03
C GLY D 283 -10.12 -8.64 7.69
N ALA D 284 -10.39 -9.68 6.90
CA ALA D 284 -9.36 -10.67 6.57
C ALA D 284 -8.08 -10.07 5.99
N HIS D 285 -8.22 -9.06 5.12
CA HIS D 285 -7.06 -8.51 4.44
C HIS D 285 -6.14 -7.72 5.37
N THR D 286 -6.60 -7.45 6.59
CA THR D 286 -5.81 -6.68 7.55
C THR D 286 -5.04 -7.59 8.51
N GLN D 287 -5.15 -8.89 8.31
CA GLN D 287 -4.55 -9.87 9.22
C GLN D 287 -3.72 -10.87 8.44
N LEU D 288 -2.55 -11.24 8.96
CA LEU D 288 -1.67 -12.16 8.26
C LEU D 288 -2.05 -13.59 8.60
N LEU D 289 -2.23 -13.83 9.89
CA LEU D 289 -2.82 -15.06 10.39
C LEU D 289 -3.90 -14.71 11.40
PA NAD E . 11.60 3.17 -25.30
O1A NAD E . 13.21 3.48 -25.41
O2A NAD E . 10.77 3.74 -26.35
O5B NAD E . 11.43 1.55 -25.13
C5B NAD E . 10.15 1.01 -25.34
C4B NAD E . 10.35 -0.26 -26.14
O4B NAD E . 9.12 -1.03 -26.36
C3B NAD E . 10.97 -0.02 -27.60
O3B NAD E . 12.23 -0.62 -27.75
C2B NAD E . 9.89 -0.63 -28.46
O2B NAD E . 10.40 -1.05 -29.70
C1B NAD E . 9.40 -1.69 -27.54
N9A NAD E . 8.16 -2.27 -28.04
C8A NAD E . 6.99 -1.61 -28.39
N7A NAD E . 6.13 -2.58 -28.99
C5A NAD E . 6.81 -3.83 -28.96
C6A NAD E . 6.45 -5.12 -29.43
N6A NAD E . 5.17 -5.33 -30.08
N1A NAD E . 7.32 -6.12 -29.27
C2A NAD E . 8.60 -5.92 -28.69
N3A NAD E . 8.96 -4.64 -28.25
C4A NAD E . 8.06 -3.65 -28.39
O3 NAD E . 10.97 3.79 -23.91
PN NAD E . 11.45 3.42 -22.39
O1N NAD E . 12.99 2.99 -22.25
O2N NAD E . 11.04 4.61 -21.65
O5D NAD E . 10.44 2.22 -21.97
C5D NAD E . 10.95 0.96 -21.63
C4D NAD E . 10.16 0.50 -20.40
O4D NAD E . 10.33 1.35 -19.24
C3D NAD E . 8.59 0.42 -20.57
O3D NAD E . 8.02 -0.67 -19.91
C2D NAD E . 8.13 1.75 -19.93
O2D NAD E . 6.77 1.79 -19.64
C1D NAD E . 9.07 1.68 -18.75
N1N NAD E . 9.19 2.97 -18.05
C2N NAD E . 9.62 4.15 -18.72
C3N NAD E . 9.75 5.36 -17.92
C7N NAD E . 10.20 6.67 -18.56
O7N NAD E . 10.02 7.68 -17.97
N7N NAD E . 10.81 6.63 -19.88
C4N NAD E . 9.45 5.36 -16.48
C5N NAD E . 9.02 4.16 -15.85
C6N NAD E . 8.88 2.94 -16.62
C01 2TK F . 7.34 7.87 -19.70
C02 2TK F . 7.33 6.88 -20.69
C03 2TK F . 6.87 5.59 -20.39
C04 2TK F . 6.41 5.29 -19.10
C05 2TK F . 6.40 6.28 -18.09
C06 2TK F . 6.87 7.56 -18.41
C07 2TK F . 6.95 8.60 -17.31
C08 2TK F . 5.95 9.74 -17.28
C09 2TK F . 4.51 9.47 -17.66
C10 2TK F . 3.48 10.34 -16.97
C11 2TK F . 2.52 11.13 -17.85
C12 2TK F . 2.85 12.61 -18.05
O13 2TK F . 5.95 4.02 -18.86
O14 2TK F . 6.90 4.60 -21.38
C15 2TK F . 5.66 4.38 -22.01
C16 2TK F . 5.56 3.38 -22.96
C17 2TK F . 4.36 3.10 -23.61
C18 2TK F . 3.24 3.86 -23.31
C19 2TK F . 3.32 4.88 -22.36
C20 2TK F . 4.53 5.13 -21.70
BR1 2TK F . 7.14 2.38 -23.36
PA NAD G . -9.06 18.99 18.33
O1A NAD G . -10.52 19.70 18.22
O2A NAD G . -7.97 19.75 18.97
O5B NAD G . -9.32 17.52 19.03
C5B NAD G . -8.22 16.90 19.63
C4B NAD G . -8.71 16.37 20.99
O4B NAD G . -7.66 15.62 21.69
C3B NAD G . -9.12 17.56 21.98
O3B NAD G . -10.46 17.52 22.36
C2B NAD G . -8.15 17.33 23.13
O2B NAD G . -8.65 17.79 24.35
C1B NAD G . -8.01 15.85 23.00
N9A NAD G . -6.89 15.42 23.85
C8A NAD G . -5.59 15.89 23.87
N7A NAD G . -4.90 15.25 24.94
C5A NAD G . -5.84 14.38 25.55
C6A NAD G . -5.76 13.48 26.66
N6A NAD G . -4.55 13.39 27.45
N1A NAD G . -6.83 12.79 27.01
C2A NAD G . -8.06 12.91 26.34
N3A NAD G . -8.16 13.79 25.25
C4A NAD G . -7.06 14.48 24.88
O3 NAD G . -8.48 18.66 16.84
PN NAD G . -9.22 17.76 15.70
O1N NAD G . -10.84 17.65 15.82
O2N NAD G . -8.74 18.30 14.43
O5D NAD G . -8.56 16.27 15.91
C5D NAD G . -9.31 15.19 16.44
C4D NAD G . -8.72 13.92 15.80
O4D NAD G . -8.78 13.93 14.35
C3D NAD G . -7.20 13.66 16.12
O3D NAD G . -6.85 12.32 16.28
C2D NAD G . -6.50 14.24 14.86
O2D NAD G . -5.16 13.86 14.70
C1D NAD G . -7.48 13.68 13.87
N1N NAD G . -7.39 14.32 12.55
C2N NAD G . -7.50 15.75 12.41
C3N NAD G . -7.46 16.27 11.05
C7N NAD G . -7.57 17.75 10.77
O7N NAD G . -7.30 18.14 9.69
N7N NAD G . -8.11 18.62 11.81
C4N NAD G . -7.35 15.39 9.86
C5N NAD G . -7.25 13.97 10.04
C6N NAD G . -7.26 13.42 11.38
C01 2TK H . -4.53 18.79 11.41
C02 2TK H . -4.65 18.52 12.78
C03 2TK H . -4.49 17.22 13.25
C04 2TK H . -4.21 16.18 12.35
C05 2TK H . -4.10 16.45 10.98
C06 2TK H . -4.25 17.75 10.52
C07 2TK H . -4.12 18.02 9.02
C08 2TK H . -2.71 18.21 8.49
C09 2TK H . -2.59 18.99 7.18
C10 2TK H . -1.27 19.72 7.02
C11 2TK H . -0.04 18.82 7.01
C12 2TK H . 1.28 19.46 6.60
O13 2TK H . -4.02 14.89 12.82
O14 2TK H . -4.65 16.92 14.60
C15 2TK H . -3.48 17.07 15.35
C16 2TK H . -3.63 17.18 16.73
C17 2TK H . -2.55 17.39 17.58
C18 2TK H . -1.27 17.47 17.02
C19 2TK H . -1.10 17.36 15.63
C20 2TK H . -2.20 17.16 14.79
BR1 2TK H . -5.43 17.04 17.40
PA NAD I . 19.32 -10.12 17.86
O1A NAD I . 20.58 -11.03 17.31
O2A NAD I . 18.89 -10.49 19.21
O5B NAD I . 19.68 -8.52 17.72
C5B NAD I . 18.87 -7.58 18.39
C4B NAD I . 19.83 -6.47 18.88
O4B NAD I . 19.14 -5.34 19.52
C3B NAD I . 20.94 -6.98 19.93
O3B NAD I . 22.27 -6.90 19.47
C2B NAD I . 20.64 -6.06 21.10
O2B NAD I . 21.76 -5.87 21.93
C1B NAD I . 20.14 -4.86 20.37
N9A NAD I . 19.54 -3.94 21.33
C8A NAD I . 18.50 -4.20 22.23
N7A NAD I . 18.37 -3.04 23.06
C5A NAD I . 19.35 -2.08 22.66
C6A NAD I . 19.69 -0.78 23.09
N6A NAD I . 19.01 -0.16 24.23
N1A NAD I . 20.69 -0.12 22.48
C2A NAD I . 21.40 -0.68 21.41
N3A NAD I . 21.06 -1.97 20.98
C4A NAD I . 20.06 -2.64 21.58
O3 NAD I . 17.99 -10.34 16.91
PN NAD I . 17.88 -10.01 15.32
O1N NAD I . 19.29 -10.16 14.53
O2N NAD I . 16.82 -10.89 14.85
O5D NAD I . 17.33 -8.46 15.28
C5D NAD I . 18.04 -7.45 14.59
C4D NAD I . 17.02 -6.62 13.80
O4D NAD I . 16.32 -7.41 12.78
C3D NAD I . 15.81 -6.05 14.65
O3D NAD I . 15.41 -4.76 14.24
C2D NAD I . 14.68 -7.09 14.42
O2D NAD I . 13.39 -6.64 14.76
C1D NAD I . 14.94 -7.27 12.96
N1N NAD I . 14.30 -8.46 12.35
C2N NAD I . 14.54 -9.78 12.87
C3N NAD I . 13.89 -10.89 12.20
C7N NAD I . 14.06 -12.33 12.65
O7N NAD I . 13.28 -13.15 12.29
N7N NAD I . 15.13 -12.68 13.56
C4N NAD I . 13.03 -10.65 11.00
C5N NAD I . 12.80 -9.33 10.51
C6N NAD I . 13.44 -8.21 11.18
C01 2TK J . 11.82 -12.50 15.08
C02 2TK J . 12.59 -11.66 15.87
C03 2TK J . 12.53 -10.27 15.68
C04 2TK J . 11.69 -9.72 14.70
C05 2TK J . 10.91 -10.56 13.89
C06 2TK J . 10.98 -11.95 14.09
C07 2TK J . 10.13 -12.89 13.24
C08 2TK J . 8.63 -12.86 13.49
C09 2TK J . 8.03 -13.54 14.71
C10 2TK J . 6.50 -13.64 14.73
C11 2TK J . 5.88 -14.35 15.93
C12 2TK J . 5.17 -15.67 15.65
O13 2TK J . 11.61 -8.33 14.52
O14 2TK J . 13.34 -9.46 16.47
C15 2TK J . 12.68 -8.88 17.57
C16 2TK J . 13.40 -8.02 18.40
C17 2TK J . 12.83 -7.40 19.52
C18 2TK J . 11.49 -7.66 19.81
C19 2TK J . 10.75 -8.52 18.98
C20 2TK J . 11.33 -9.14 17.87
BR1 2TK J . 15.24 -7.67 17.97
PA NAD K . -22.42 -14.08 -10.64
O1A NAD K . -23.77 -14.23 -9.72
O2A NAD K . -22.17 -15.16 -11.60
O5B NAD K . -22.45 -12.57 -11.34
C5B NAD K . -21.57 -12.32 -12.40
C4B NAD K . -22.33 -11.55 -13.49
O4B NAD K . -21.49 -11.14 -14.63
C3B NAD K . -23.55 -12.35 -14.15
O3B NAD K . -24.80 -11.82 -13.83
C2B NAD K . -23.17 -12.32 -15.63
O2B NAD K . -24.26 -12.46 -16.51
C1B NAD K . -22.41 -11.04 -15.67
N9A NAD K . -21.69 -10.93 -16.94
C8A NAD K . -20.76 -11.80 -17.49
N7A NAD K . -20.46 -11.33 -18.81
C5A NAD K . -21.23 -10.15 -19.03
C6A NAD K . -21.34 -9.26 -20.14
N6A NAD K . -20.57 -9.53 -21.35
N1A NAD K . -22.16 -8.21 -20.06
C2A NAD K . -22.92 -7.95 -18.90
N3A NAD K . -22.82 -8.83 -17.80
C4A NAD K . -21.98 -9.89 -17.89
O3 NAD K . -21.12 -14.05 -9.62
PN NAD K . -20.83 -12.84 -8.54
O1N NAD K . -19.85 -13.58 -7.46
O2N NAD K . -22.04 -12.27 -7.97
O5D NAD K . -19.95 -11.72 -9.38
C5D NAD K . -20.40 -10.38 -9.42
C4D NAD K . -19.21 -9.46 -9.12
O4D NAD K . -18.66 -9.64 -7.79
C3D NAD K . -17.96 -9.66 -10.06
O3D NAD K . -17.27 -8.48 -10.43
C2D NAD K . -17.07 -10.60 -9.22
O2D NAD K . -15.73 -10.68 -9.66
C1D NAD K . -17.28 -9.89 -7.92
N1N NAD K . -16.82 -10.65 -6.73
C2N NAD K . -17.36 -11.95 -6.43
C3N NAD K . -16.88 -12.61 -5.23
C7N NAD K . -17.38 -13.98 -4.83
O7N NAD K . -16.73 -14.57 -4.02
N7N NAD K . -18.58 -14.53 -5.45
C4N NAD K . -15.87 -11.98 -4.33
C5N NAD K . -15.36 -10.68 -4.65
C6N NAD K . -15.83 -10.00 -5.85
C01 2TK L . -15.41 -15.89 -6.59
C02 2TK L . -16.06 -15.46 -7.76
C03 2TK L . -15.68 -14.28 -8.37
C04 2TK L . -14.66 -13.50 -7.83
C05 2TK L . -14.00 -13.90 -6.65
C06 2TK L . -14.39 -15.10 -6.04
C07 2TK L . -13.67 -15.60 -4.79
C08 2TK L . -12.20 -15.89 -5.03
C09 2TK L . -11.70 -17.33 -5.20
C10 2TK L . -10.20 -17.49 -5.38
C11 2TK L . -9.49 -18.51 -4.48
C12 2TK L . -8.01 -18.30 -4.15
O13 2TK L . -14.28 -12.31 -8.46
O14 2TK L . -16.36 -13.86 -9.52
C15 2TK L . -15.68 -14.19 -10.71
C16 2TK L . -16.27 -13.83 -11.93
C17 2TK L . -15.65 -14.15 -13.14
C18 2TK L . -14.42 -14.82 -13.13
C19 2TK L . -13.83 -15.19 -11.92
C20 2TK L . -14.46 -14.87 -10.71
BR1 2TK L . -17.97 -12.93 -11.90
#